data_6YMD
#
_entry.id   6YMD
#
_cell.length_a   62.050
_cell.length_b   94.202
_cell.length_c   142.972
_cell.angle_alpha   90.000
_cell.angle_beta   90.000
_cell.angle_gamma   90.000
#
_symmetry.space_group_name_H-M   'P 21 21 21'
#
loop_
_entity.id
_entity.type
_entity.pdbx_description
1 polymer 'Serine hydroxymethyltransferase'
2 non-polymer "4'-DEOXY-4'-AMINOPYRIDOXAL-5'-PHOSPHATE"
3 non-polymer 1,2-ETHANEDIOL
4 non-polymer 'MALONATE ION'
5 non-polymer 'SODIUM ION'
6 water water
#
_entity_poly.entity_id   1
_entity_poly.type   'polypeptide(L)'
_entity_poly.pdbx_seq_one_letter_code
;MGSSHHHHHHSSGLVPRGSHMTQTNLDFLLQTDPTISGMMQKELQRQREHLELIASENFTSPAVMATQGSVLTNKYAEGL
PKKRYYGGCEFIDEIEQVAIDRAKELFGAASANVQPHSGAQANFAVFLTLLKPGDKIMGMDLSHGGHLTHGSPANVSGKW
FEAVHYGVSQETEQLDYDHILEVARQERPKLIICGYSAYPRIINFEKFRAIADEVGAYLLADIAHIAGLVASGHHPNPVP
HCDVVTTTTHKTLRGPRGGLILTRDPELGKKFNKSVFPGTQGGPLEHVIAGKAVAFGEALKPEFKAYSGQVIANAQAMAQ
QLQNRGFKIVSGGTDNHLMLVDLRSVNLTGKQADQLVSDVNITANKNTVPFDPESPFVTSGLRLGSPAMTTRGLGTEDFA
EIANIIADRLQNPEDEQVKQACVQRVAALCERFPLYPHLNAPVPAMA
;
_entity_poly.pdbx_strand_id   A,B
#
# COMPACT_ATOMS: atom_id res chain seq x y z
N GLN A 23 8.47 28.42 -4.27
CA GLN A 23 7.74 27.41 -5.07
C GLN A 23 7.46 26.11 -4.33
N THR A 24 6.23 25.58 -4.40
CA THR A 24 5.85 24.39 -3.64
C THR A 24 5.67 23.19 -4.57
N ASN A 25 5.55 22.00 -3.97
CA ASN A 25 5.26 20.81 -4.76
C ASN A 25 3.94 20.96 -5.52
N LEU A 26 2.93 21.60 -4.90
CA LEU A 26 1.66 21.80 -5.60
C LEU A 26 1.80 22.72 -6.79
N ASP A 27 2.71 23.71 -6.71
CA ASP A 27 3.00 24.54 -7.86
C ASP A 27 3.61 23.72 -8.99
N PHE A 28 4.55 22.83 -8.65
CA PHE A 28 5.11 21.95 -9.68
C PHE A 28 4.04 21.07 -10.30
N LEU A 29 3.08 20.58 -9.50
CA LEU A 29 2.02 19.76 -10.08
C LEU A 29 1.17 20.56 -11.06
N LEU A 30 0.81 21.79 -10.71
CA LEU A 30 0.01 22.58 -11.63
C LEU A 30 0.79 22.85 -12.91
N GLN A 31 2.08 23.14 -12.78
CA GLN A 31 2.87 23.51 -13.96
C GLN A 31 3.08 22.32 -14.88
N THR A 32 3.35 21.14 -14.34
CA THR A 32 3.77 19.99 -15.14
C THR A 32 2.64 19.05 -15.51
N ASP A 33 1.52 19.06 -14.76
CA ASP A 33 0.42 18.16 -15.06
C ASP A 33 -0.88 18.85 -14.70
N PRO A 34 -1.26 19.87 -15.47
CA PRO A 34 -2.51 20.59 -15.16
C PRO A 34 -3.72 19.69 -15.18
N THR A 35 -3.71 18.59 -15.96
CA THR A 35 -4.87 17.68 -15.96
C THR A 35 -5.08 17.10 -14.58
N ILE A 36 -4.05 16.49 -14.01
CA ILE A 36 -4.19 15.89 -12.69
C ILE A 36 -4.38 16.97 -11.62
N SER A 37 -3.64 18.07 -11.72
CA SER A 37 -3.81 19.19 -10.78
C SER A 37 -5.28 19.60 -10.70
N GLY A 38 -5.93 19.77 -11.85
CA GLY A 38 -7.32 20.22 -11.86
C GLY A 38 -8.28 19.22 -11.25
N MET A 39 -8.07 17.93 -11.53
CA MET A 39 -8.93 16.90 -10.99
C MET A 39 -8.78 16.82 -9.48
N MET A 40 -7.54 16.92 -9.00
N MET A 40 -7.57 17.02 -8.96
CA MET A 40 -7.28 16.90 -7.56
CA MET A 40 -7.37 17.01 -7.51
C MET A 40 -7.94 18.08 -6.87
C MET A 40 -8.05 18.20 -6.84
N GLN A 41 -7.89 19.26 -7.48
N GLN A 41 -7.95 19.38 -7.43
CA GLN A 41 -8.59 20.41 -6.93
CA GLN A 41 -8.66 20.53 -6.87
C GLN A 41 -10.09 20.14 -6.84
C GLN A 41 -10.16 20.34 -6.92
N LYS A 42 -10.67 19.60 -7.92
CA LYS A 42 -12.09 19.27 -7.91
C LYS A 42 -12.45 18.32 -6.78
N GLU A 43 -11.57 17.38 -6.44
CA GLU A 43 -11.84 16.47 -5.34
C GLU A 43 -11.85 17.20 -4.01
N LEU A 44 -10.92 18.16 -3.81
CA LEU A 44 -10.99 18.98 -2.61
C LEU A 44 -12.33 19.71 -2.52
N GLN A 45 -12.75 20.35 -3.62
CA GLN A 45 -14.06 21.04 -3.62
C GLN A 45 -15.20 20.08 -3.33
N ARG A 46 -15.13 18.85 -3.89
CA ARG A 46 -16.17 17.85 -3.65
C ARG A 46 -16.25 17.50 -2.17
N GLN A 47 -15.10 17.27 -1.54
CA GLN A 47 -15.09 16.96 -0.12
C GLN A 47 -15.67 18.11 0.68
N ARG A 48 -15.36 19.35 0.29
CA ARG A 48 -15.89 20.49 1.03
C ARG A 48 -17.42 20.62 0.92
N GLU A 49 -17.97 20.30 -0.25
CA GLU A 49 -19.33 20.68 -0.58
C GLU A 49 -20.35 19.54 -0.51
N HIS A 50 -19.98 18.41 0.05
CA HIS A 50 -20.91 17.31 0.28
C HIS A 50 -20.94 16.96 1.76
N LEU A 51 -22.06 16.38 2.21
CA LEU A 51 -22.06 15.69 3.49
C LEU A 51 -21.44 14.32 3.23
N GLU A 52 -20.24 14.09 3.74
CA GLU A 52 -19.53 12.83 3.52
C GLU A 52 -19.95 11.86 4.61
N LEU A 53 -20.96 11.03 4.30
CA LEU A 53 -21.55 10.12 5.27
C LEU A 53 -21.10 8.69 5.08
N ILE A 54 -20.12 8.46 4.21
CA ILE A 54 -19.55 7.12 4.09
C ILE A 54 -18.95 6.73 5.42
N ALA A 55 -19.41 5.61 5.99
CA ALA A 55 -19.09 5.29 7.37
C ALA A 55 -17.63 4.95 7.57
N SER A 56 -16.94 4.53 6.51
CA SER A 56 -15.54 4.12 6.57
C SER A 56 -14.59 5.23 6.20
N GLU A 57 -15.09 6.44 5.92
CA GLU A 57 -14.26 7.59 5.59
C GLU A 57 -14.03 8.52 6.77
N ASN A 58 -13.01 9.35 6.63
CA ASN A 58 -12.75 10.39 7.59
C ASN A 58 -11.99 11.48 6.85
N PHE A 59 -11.70 12.57 7.56
CA PHE A 59 -10.83 13.63 7.04
C PHE A 59 -9.57 13.64 7.88
N THR A 60 -8.48 13.10 7.34
CA THR A 60 -7.23 13.02 8.09
C THR A 60 -6.59 14.40 8.18
N SER A 61 -5.69 14.56 9.15
CA SER A 61 -5.25 15.90 9.46
C SER A 61 -4.25 16.43 8.44
N PRO A 62 -4.10 17.76 8.40
CA PRO A 62 -3.00 18.35 7.63
C PRO A 62 -1.64 17.74 7.95
N ALA A 63 -1.36 17.48 9.22
CA ALA A 63 -0.08 16.91 9.57
C ALA A 63 0.11 15.52 8.95
N VAL A 64 -0.93 14.68 8.99
CA VAL A 64 -0.83 13.38 8.33
C VAL A 64 -0.58 13.55 6.84
N MET A 65 -1.31 14.48 6.20
CA MET A 65 -1.11 14.64 4.75
C MET A 65 0.30 15.12 4.46
N ALA A 66 0.88 15.98 5.32
CA ALA A 66 2.24 16.46 5.09
C ALA A 66 3.22 15.30 5.07
N THR A 67 3.05 14.31 5.97
CA THR A 67 3.96 13.18 5.97
C THR A 67 3.82 12.38 4.67
N GLN A 68 2.58 12.23 4.18
CA GLN A 68 2.39 11.39 2.99
C GLN A 68 2.94 12.09 1.74
N GLY A 69 3.00 13.42 1.74
CA GLY A 69 3.59 14.17 0.65
C GLY A 69 5.08 14.41 0.77
N SER A 70 5.78 13.68 1.64
CA SER A 70 7.17 13.97 1.96
C SER A 70 8.13 13.09 1.15
N VAL A 71 9.42 13.40 1.28
CA VAL A 71 10.48 12.63 0.62
C VAL A 71 10.66 11.22 1.19
N LEU A 72 9.94 10.89 2.27
N LEU A 72 9.92 10.88 2.26
CA LEU A 72 10.03 9.54 2.81
CA LEU A 72 10.05 9.54 2.81
C LEU A 72 9.63 8.48 1.80
C LEU A 72 9.63 8.48 1.79
N THR A 73 8.83 8.85 0.79
CA THR A 73 8.46 7.92 -0.28
C THR A 73 9.70 7.40 -1.01
N ASN A 74 10.85 8.12 -0.96
CA ASN A 74 12.00 7.68 -1.72
C ASN A 74 12.79 6.55 -1.06
N LYS A 75 12.50 6.19 0.21
CA LYS A 75 13.36 5.26 0.94
C LYS A 75 12.89 3.80 0.86
N TYR A 76 13.79 2.93 0.41
CA TYR A 76 13.60 1.48 0.56
C TYR A 76 14.02 1.05 1.96
N ALA A 77 13.15 0.33 2.65
CA ALA A 77 13.39 0.03 4.07
C ALA A 77 12.90 -1.38 4.42
N GLU A 78 13.07 -2.34 3.51
CA GLU A 78 12.74 -3.73 3.85
C GLU A 78 13.42 -4.17 5.14
N GLY A 79 12.66 -4.88 5.97
CA GLY A 79 13.10 -5.37 7.24
C GLY A 79 12.38 -4.67 8.37
N LEU A 80 13.06 -4.45 9.49
CA LEU A 80 12.51 -3.81 10.66
C LEU A 80 13.51 -2.78 11.16
N PRO A 81 13.10 -1.82 12.00
CA PRO A 81 14.06 -0.86 12.54
C PRO A 81 15.29 -1.55 13.12
N LYS A 82 16.47 -1.04 12.73
CA LYS A 82 17.77 -1.55 13.14
C LYS A 82 18.09 -2.94 12.57
N LYS A 83 17.23 -3.47 11.72
CA LYS A 83 17.36 -4.81 11.15
C LYS A 83 16.88 -4.76 9.70
N ARG A 84 17.49 -3.85 8.93
CA ARG A 84 17.09 -3.58 7.56
C ARG A 84 17.97 -4.30 6.54
N TYR A 85 17.40 -4.51 5.36
CA TYR A 85 18.14 -5.08 4.24
C TYR A 85 18.69 -4.01 3.31
N TYR A 86 18.53 -2.74 3.66
CA TYR A 86 19.02 -1.59 2.88
C TYR A 86 19.77 -0.65 3.80
N GLY A 87 20.83 -0.02 3.27
CA GLY A 87 21.49 1.04 4.03
C GLY A 87 20.64 2.29 4.08
N GLY A 88 21.09 3.26 4.87
CA GLY A 88 20.52 4.60 4.92
C GLY A 88 19.24 4.78 5.72
N CYS A 89 18.84 3.81 6.54
CA CYS A 89 17.54 3.86 7.21
C CYS A 89 17.59 4.50 8.59
N GLU A 90 18.64 5.23 8.95
CA GLU A 90 18.72 5.77 10.30
C GLU A 90 17.47 6.57 10.71
N PHE A 91 16.98 7.47 9.87
CA PHE A 91 15.84 8.30 10.25
C PHE A 91 14.51 7.60 10.03
N ILE A 92 14.40 6.79 8.96
CA ILE A 92 13.24 5.91 8.79
C ILE A 92 13.09 5.03 10.01
N ASP A 93 14.20 4.51 10.56
CA ASP A 93 14.09 3.64 11.74
C ASP A 93 13.56 4.38 12.95
N GLU A 94 13.97 5.65 13.15
CA GLU A 94 13.44 6.42 14.26
C GLU A 94 11.93 6.64 14.09
N ILE A 95 11.49 6.95 12.87
CA ILE A 95 10.06 7.21 12.61
C ILE A 95 9.23 5.95 12.79
N GLU A 96 9.67 4.84 12.18
CA GLU A 96 8.87 3.62 12.30
C GLU A 96 8.82 3.14 13.75
N GLN A 97 9.92 3.31 14.51
CA GLN A 97 9.85 2.89 15.90
C GLN A 97 8.92 3.78 16.71
N VAL A 98 8.85 5.08 16.42
CA VAL A 98 7.84 5.95 17.06
C VAL A 98 6.44 5.46 16.73
N ALA A 99 6.20 5.10 15.46
CA ALA A 99 4.89 4.57 15.07
C ALA A 99 4.55 3.31 15.86
N ILE A 100 5.50 2.38 15.96
CA ILE A 100 5.31 1.14 16.70
C ILE A 100 5.02 1.45 18.16
N ASP A 101 5.84 2.31 18.76
CA ASP A 101 5.72 2.58 20.19
C ASP A 101 4.40 3.26 20.50
N ARG A 102 4.01 4.24 19.66
CA ARG A 102 2.73 4.90 19.89
C ARG A 102 1.56 3.94 19.67
N ALA A 103 1.62 3.05 18.67
CA ALA A 103 0.55 2.07 18.50
C ALA A 103 0.43 1.18 19.72
N LYS A 104 1.57 0.72 20.25
CA LYS A 104 1.53 -0.14 21.44
C LYS A 104 0.93 0.59 22.63
N GLU A 105 1.30 1.85 22.84
CA GLU A 105 0.74 2.60 23.95
C GLU A 105 -0.74 2.84 23.74
N LEU A 106 -1.14 3.19 22.52
CA LEU A 106 -2.53 3.56 22.25
C LEU A 106 -3.47 2.38 22.46
N PHE A 107 -3.06 1.18 22.05
CA PHE A 107 -3.93 0.02 22.10
C PHE A 107 -3.58 -0.92 23.24
N GLY A 108 -2.56 -0.61 24.04
CA GLY A 108 -2.15 -1.51 25.11
C GLY A 108 -1.62 -2.83 24.61
N ALA A 109 -0.90 -2.81 23.49
CA ALA A 109 -0.45 -4.05 22.85
C ALA A 109 1.02 -4.34 23.19
N ALA A 110 1.34 -5.64 23.30
CA ALA A 110 2.72 -6.03 23.52
C ALA A 110 3.56 -5.91 22.26
N SER A 111 2.94 -6.02 21.09
N SER A 111 2.93 -5.91 21.09
CA SER A 111 3.62 -5.93 19.81
CA SER A 111 3.64 -5.95 19.82
C SER A 111 2.75 -5.19 18.82
C SER A 111 2.76 -5.26 18.78
N ALA A 112 3.40 -4.52 17.88
CA ALA A 112 2.70 -3.87 16.77
C ALA A 112 3.58 -3.92 15.55
N ASN A 113 2.97 -4.19 14.40
CA ASN A 113 3.62 -4.06 13.11
C ASN A 113 2.86 -3.01 12.32
N VAL A 114 3.56 -1.93 11.95
CA VAL A 114 2.97 -0.77 11.31
C VAL A 114 3.17 -0.79 9.80
N GLN A 115 3.77 -1.85 9.26
CA GLN A 115 4.03 -1.95 7.83
C GLN A 115 2.87 -2.40 6.93
N PRO A 116 1.77 -3.04 7.39
CA PRO A 116 0.77 -3.49 6.39
C PRO A 116 0.27 -2.36 5.53
N HIS A 117 0.21 -2.61 4.20
CA HIS A 117 -0.21 -1.55 3.28
C HIS A 117 -1.69 -1.22 3.42
N SER A 118 -2.46 -2.08 4.06
CA SER A 118 -3.89 -1.91 4.09
C SER A 118 -4.45 -2.86 5.15
N GLY A 119 -5.75 -2.70 5.44
CA GLY A 119 -6.43 -3.67 6.30
C GLY A 119 -6.45 -5.05 5.66
N ALA A 120 -6.68 -5.13 4.33
CA ALA A 120 -6.67 -6.45 3.69
C ALA A 120 -5.31 -7.13 3.83
N GLN A 121 -4.21 -6.38 3.66
CA GLN A 121 -2.88 -6.95 3.74
C GLN A 121 -2.52 -7.31 5.16
N ALA A 122 -3.00 -6.56 6.16
CA ALA A 122 -2.81 -6.98 7.55
C ALA A 122 -3.47 -8.32 7.80
N ASN A 123 -4.70 -8.47 7.31
CA ASN A 123 -5.41 -9.74 7.48
C ASN A 123 -4.69 -10.89 6.79
N PHE A 124 -4.15 -10.63 5.58
CA PHE A 124 -3.49 -11.71 4.88
C PHE A 124 -2.26 -12.19 5.63
N ALA A 125 -1.47 -11.25 6.18
CA ALA A 125 -0.28 -11.64 6.94
C ALA A 125 -0.68 -12.51 8.13
N VAL A 126 -1.80 -12.17 8.80
CA VAL A 126 -2.28 -13.04 9.88
C VAL A 126 -2.60 -14.43 9.37
N PHE A 127 -3.33 -14.53 8.23
CA PHE A 127 -3.65 -15.84 7.66
C PHE A 127 -2.39 -16.65 7.34
N LEU A 128 -1.37 -15.98 6.78
CA LEU A 128 -0.14 -16.68 6.44
C LEU A 128 0.55 -17.24 7.69
N THR A 129 0.37 -16.57 8.83
CA THR A 129 1.01 -17.02 10.07
C THR A 129 0.25 -18.20 10.67
N LEU A 130 -1.09 -18.16 10.65
CA LEU A 130 -1.85 -19.09 11.45
C LEU A 130 -2.40 -20.27 10.67
N LEU A 131 -2.51 -20.17 9.34
CA LEU A 131 -3.28 -21.13 8.57
C LEU A 131 -2.44 -21.70 7.45
N LYS A 132 -2.91 -22.81 6.91
CA LYS A 132 -2.41 -23.29 5.61
C LYS A 132 -3.60 -23.37 4.67
N PRO A 133 -3.36 -23.32 3.35
CA PRO A 133 -4.48 -23.42 2.41
C PRO A 133 -5.34 -24.66 2.70
N GLY A 134 -6.65 -24.48 2.59
CA GLY A 134 -7.59 -25.54 2.86
C GLY A 134 -8.12 -25.56 4.29
N ASP A 135 -7.46 -24.87 5.23
CA ASP A 135 -7.95 -24.81 6.59
C ASP A 135 -9.30 -24.10 6.64
N LYS A 136 -10.03 -24.38 7.72
CA LYS A 136 -11.36 -23.80 7.91
C LYS A 136 -11.32 -22.52 8.75
N ILE A 137 -11.97 -21.47 8.27
CA ILE A 137 -12.12 -20.22 9.00
C ILE A 137 -13.60 -19.96 9.20
N MET A 138 -13.94 -19.16 10.21
CA MET A 138 -15.32 -18.82 10.50
C MET A 138 -15.42 -17.32 10.72
N GLY A 139 -16.22 -16.65 9.92
CA GLY A 139 -16.40 -15.22 10.03
C GLY A 139 -17.86 -14.88 9.86
N MET A 140 -18.18 -13.60 10.01
N MET A 140 -18.18 -13.59 9.95
CA MET A 140 -19.55 -13.20 9.76
CA MET A 140 -19.55 -13.15 9.77
C MET A 140 -19.82 -13.27 8.27
C MET A 140 -19.86 -13.15 8.27
N ASP A 141 -21.04 -13.68 7.94
CA ASP A 141 -21.44 -13.68 6.54
C ASP A 141 -21.35 -12.28 5.95
N LEU A 142 -20.89 -12.23 4.71
CA LEU A 142 -20.75 -10.96 4.02
C LEU A 142 -22.05 -10.16 4.07
N SER A 143 -23.17 -10.82 3.84
CA SER A 143 -24.43 -10.08 3.81
C SER A 143 -24.89 -9.62 5.19
N HIS A 144 -24.29 -10.15 6.26
CA HIS A 144 -24.58 -9.71 7.61
C HIS A 144 -23.55 -8.73 8.13
N GLY A 145 -22.64 -8.26 7.28
CA GLY A 145 -21.70 -7.25 7.68
C GLY A 145 -20.28 -7.74 7.90
N GLY A 146 -19.98 -9.01 7.58
CA GLY A 146 -18.59 -9.43 7.57
C GLY A 146 -17.83 -8.85 6.40
N HIS A 147 -16.51 -8.89 6.51
CA HIS A 147 -15.71 -8.30 5.44
C HIS A 147 -15.36 -9.34 4.38
N LEU A 148 -15.06 -8.83 3.17
CA LEU A 148 -14.63 -9.74 2.09
C LEU A 148 -13.40 -10.55 2.46
N THR A 149 -12.51 -9.99 3.28
CA THR A 149 -11.28 -10.71 3.66
C THR A 149 -11.51 -11.69 4.80
N HIS A 150 -12.77 -11.86 5.23
CA HIS A 150 -13.11 -12.79 6.30
C HIS A 150 -13.70 -14.08 5.76
N GLY A 151 -13.54 -14.35 4.47
CA GLY A 151 -14.02 -15.58 3.87
C GLY A 151 -14.90 -15.46 2.65
N SER A 152 -14.94 -14.33 1.97
CA SER A 152 -15.70 -14.29 0.72
C SER A 152 -15.03 -15.17 -0.34
N PRO A 153 -15.81 -15.94 -1.11
CA PRO A 153 -15.21 -16.73 -2.19
C PRO A 153 -14.61 -15.88 -3.29
N ALA A 154 -14.93 -14.59 -3.37
CA ALA A 154 -14.30 -13.73 -4.36
C ALA A 154 -12.96 -13.21 -3.90
N ASN A 155 -12.60 -13.44 -2.64
CA ASN A 155 -11.35 -13.01 -2.05
C ASN A 155 -10.51 -14.25 -1.76
N VAL A 156 -9.19 -14.06 -1.67
CA VAL A 156 -8.34 -15.20 -1.37
C VAL A 156 -8.81 -15.93 -0.11
N SER A 157 -9.38 -15.20 0.87
CA SER A 157 -9.79 -15.80 2.14
C SER A 157 -10.85 -16.88 1.98
N GLY A 158 -11.73 -16.78 0.97
CA GLY A 158 -12.71 -17.84 0.72
C GLY A 158 -12.37 -18.72 -0.46
N LYS A 159 -11.40 -18.31 -1.29
CA LYS A 159 -10.98 -19.13 -2.42
C LYS A 159 -10.03 -20.21 -1.98
N TRP A 160 -9.07 -19.87 -1.12
CA TRP A 160 -8.00 -20.80 -0.76
C TRP A 160 -8.12 -21.36 0.64
N PHE A 161 -9.18 -21.00 1.36
CA PHE A 161 -9.53 -21.55 2.66
C PHE A 161 -11.00 -21.92 2.61
N GLU A 162 -11.41 -22.82 3.51
CA GLU A 162 -12.82 -23.19 3.58
C GLU A 162 -13.49 -22.29 4.61
N ALA A 163 -14.25 -21.30 4.15
CA ALA A 163 -14.80 -20.28 5.03
C ALA A 163 -16.26 -20.57 5.30
N VAL A 164 -16.58 -20.76 6.57
CA VAL A 164 -17.96 -20.94 7.02
C VAL A 164 -18.36 -19.68 7.74
N HIS A 165 -19.65 -19.50 7.98
CA HIS A 165 -20.10 -18.19 8.41
C HIS A 165 -21.11 -18.28 9.54
N TYR A 166 -21.18 -17.20 10.30
CA TYR A 166 -22.26 -16.95 11.22
C TYR A 166 -22.89 -15.61 10.86
N GLY A 167 -24.11 -15.39 11.34
CA GLY A 167 -24.81 -14.15 11.09
C GLY A 167 -25.47 -13.65 12.36
N VAL A 168 -26.24 -12.57 12.21
CA VAL A 168 -27.00 -12.00 13.32
C VAL A 168 -28.35 -12.71 13.47
N SER A 169 -28.97 -12.51 14.64
CA SER A 169 -30.29 -13.05 14.94
C SER A 169 -31.33 -12.43 14.02
N GLN A 170 -32.25 -13.25 13.56
CA GLN A 170 -33.37 -12.69 12.81
C GLN A 170 -34.29 -11.86 13.70
N GLU A 171 -34.32 -12.14 15.01
CA GLU A 171 -35.22 -11.43 15.90
C GLU A 171 -34.64 -10.11 16.36
N THR A 172 -33.35 -10.09 16.71
CA THR A 172 -32.78 -8.86 17.24
C THR A 172 -31.93 -8.12 16.21
N GLU A 173 -31.55 -8.78 15.12
CA GLU A 173 -30.60 -8.26 14.11
C GLU A 173 -29.26 -7.85 14.73
N GLN A 174 -28.90 -8.48 15.85
CA GLN A 174 -27.53 -8.39 16.36
C GLN A 174 -27.08 -9.78 16.79
N LEU A 175 -25.81 -9.91 17.17
CA LEU A 175 -25.26 -11.24 17.43
C LEU A 175 -25.95 -11.90 18.61
N ASP A 176 -26.12 -13.22 18.49
CA ASP A 176 -26.57 -14.08 19.60
C ASP A 176 -25.38 -14.99 19.91
N TYR A 177 -24.71 -14.73 21.04
CA TYR A 177 -23.45 -15.42 21.32
C TYR A 177 -23.64 -16.91 21.57
N ASP A 178 -24.78 -17.32 22.12
CA ASP A 178 -25.02 -18.76 22.28
C ASP A 178 -25.13 -19.42 20.91
N HIS A 179 -25.76 -18.75 19.96
CA HIS A 179 -25.86 -19.32 18.62
C HIS A 179 -24.49 -19.41 17.96
N ILE A 180 -23.66 -18.37 18.10
CA ILE A 180 -22.31 -18.43 17.52
C ILE A 180 -21.56 -19.61 18.09
N LEU A 181 -21.69 -19.83 19.39
CA LEU A 181 -21.07 -20.98 20.02
C LEU A 181 -21.54 -22.30 19.39
N GLU A 182 -22.85 -22.43 19.15
CA GLU A 182 -23.33 -23.66 18.53
C GLU A 182 -22.70 -23.85 17.15
N VAL A 183 -22.62 -22.78 16.36
CA VAL A 183 -22.02 -22.92 15.03
C VAL A 183 -20.55 -23.34 15.17
N ALA A 184 -19.82 -22.70 16.09
CA ALA A 184 -18.41 -23.02 16.29
C ALA A 184 -18.23 -24.47 16.70
N ARG A 185 -19.09 -24.97 17.58
CA ARG A 185 -18.99 -26.36 18.02
C ARG A 185 -19.21 -27.32 16.86
N GLN A 186 -20.14 -26.98 15.96
CA GLN A 186 -20.44 -27.87 14.85
C GLN A 186 -19.34 -27.82 13.79
N GLU A 187 -18.80 -26.64 13.53
CA GLU A 187 -17.86 -26.49 12.42
C GLU A 187 -16.41 -26.69 12.80
N ARG A 188 -16.01 -26.45 14.05
CA ARG A 188 -14.64 -26.60 14.50
C ARG A 188 -13.66 -25.85 13.59
N PRO A 189 -13.83 -24.55 13.42
CA PRO A 189 -12.90 -23.76 12.63
C PRO A 189 -11.54 -23.66 13.30
N LYS A 190 -10.50 -23.45 12.48
CA LYS A 190 -9.17 -23.21 13.01
C LYS A 190 -8.99 -21.76 13.44
N LEU A 191 -9.70 -20.83 12.80
CA LEU A 191 -9.64 -19.40 13.10
C LEU A 191 -11.05 -18.86 13.11
N ILE A 192 -11.41 -18.13 14.18
CA ILE A 192 -12.65 -17.37 14.24
C ILE A 192 -12.28 -15.90 14.08
N ILE A 193 -13.03 -15.19 13.23
CA ILE A 193 -12.83 -13.76 12.97
C ILE A 193 -14.06 -13.01 13.46
N CYS A 194 -13.82 -11.99 14.29
CA CYS A 194 -14.85 -11.03 14.70
C CYS A 194 -14.37 -9.64 14.34
N GLY A 195 -15.25 -8.64 14.42
CA GLY A 195 -14.96 -7.33 13.87
C GLY A 195 -15.45 -7.27 12.44
N TYR A 196 -16.13 -6.19 12.05
CA TYR A 196 -17.05 -6.25 10.91
C TYR A 196 -17.06 -4.94 10.12
N SER A 197 -17.69 -4.97 8.95
CA SER A 197 -17.78 -3.79 8.12
C SER A 197 -19.09 -3.04 8.24
N ALA A 198 -20.13 -3.67 8.79
CA ALA A 198 -21.40 -2.95 8.91
C ALA A 198 -22.17 -3.44 10.12
N TYR A 199 -21.51 -3.53 11.28
CA TYR A 199 -22.18 -4.01 12.48
C TYR A 199 -22.29 -2.87 13.48
N PRO A 200 -23.51 -2.50 13.89
CA PRO A 200 -23.71 -1.28 14.69
C PRO A 200 -23.65 -1.48 16.20
N ARG A 201 -23.43 -2.68 16.70
CA ARG A 201 -23.51 -2.88 18.15
C ARG A 201 -22.15 -3.25 18.74
N ILE A 202 -22.02 -3.05 20.06
CA ILE A 202 -20.80 -3.43 20.76
C ILE A 202 -20.52 -4.90 20.54
N ILE A 203 -19.26 -5.22 20.26
CA ILE A 203 -18.81 -6.60 20.17
C ILE A 203 -18.23 -7.03 21.51
N ASN A 204 -18.67 -8.18 22.00
CA ASN A 204 -18.18 -8.75 23.25
C ASN A 204 -17.01 -9.67 22.93
N PHE A 205 -15.77 -9.13 23.03
CA PHE A 205 -14.60 -9.95 22.75
C PHE A 205 -14.35 -11.00 23.80
N GLU A 206 -14.78 -10.75 25.05
CA GLU A 206 -14.64 -11.79 26.06
C GLU A 206 -15.47 -13.02 25.70
N LYS A 207 -16.67 -12.80 25.17
CA LYS A 207 -17.50 -13.93 24.74
C LYS A 207 -16.88 -14.62 23.53
N PHE A 208 -16.30 -13.86 22.57
CA PHE A 208 -15.63 -14.52 21.44
C PHE A 208 -14.45 -15.35 21.92
N ARG A 209 -13.71 -14.87 22.95
CA ARG A 209 -12.63 -15.66 23.50
C ARG A 209 -13.17 -16.96 24.10
N ALA A 210 -14.28 -16.89 24.85
CA ALA A 210 -14.86 -18.10 25.42
C ALA A 210 -15.23 -19.09 24.34
N ILE A 211 -15.78 -18.60 23.23
CA ILE A 211 -16.16 -19.46 22.12
C ILE A 211 -14.93 -20.10 21.48
N ALA A 212 -13.91 -19.28 21.17
CA ALA A 212 -12.69 -19.81 20.55
C ALA A 212 -12.05 -20.83 21.45
N ASP A 213 -12.06 -20.58 22.77
CA ASP A 213 -11.43 -21.53 23.66
C ASP A 213 -12.19 -22.85 23.69
N GLU A 214 -13.52 -22.81 23.61
CA GLU A 214 -14.29 -24.04 23.67
C GLU A 214 -13.91 -24.97 22.53
N VAL A 215 -13.61 -24.43 21.36
CA VAL A 215 -13.37 -25.24 20.18
C VAL A 215 -11.91 -25.30 19.77
N GLY A 216 -11.01 -24.64 20.51
CA GLY A 216 -9.61 -24.70 20.14
C GLY A 216 -9.21 -23.83 18.98
N ALA A 217 -9.95 -22.78 18.69
CA ALA A 217 -9.63 -21.93 17.54
C ALA A 217 -8.76 -20.74 17.95
N TYR A 218 -7.99 -20.23 16.99
CA TYR A 218 -7.42 -18.89 17.10
C TYR A 218 -8.55 -17.87 16.99
N LEU A 219 -8.29 -16.67 17.50
CA LEU A 219 -9.26 -15.57 17.48
C LEU A 219 -8.60 -14.29 16.98
N LEU A 220 -9.11 -13.79 15.85
CA LEU A 220 -8.71 -12.52 15.26
C LEU A 220 -9.87 -11.54 15.40
N ALA A 221 -9.59 -10.33 15.86
CA ALA A 221 -10.53 -9.21 15.79
C ALA A 221 -10.01 -8.22 14.75
N ASP A 222 -10.81 -7.96 13.71
CA ASP A 222 -10.52 -6.97 12.67
C ASP A 222 -11.34 -5.73 13.03
N ILE A 223 -10.70 -4.80 13.76
CA ILE A 223 -11.41 -3.65 14.29
C ILE A 223 -11.33 -2.43 13.37
N ALA A 224 -11.04 -2.64 12.09
CA ALA A 224 -10.96 -1.52 11.14
C ALA A 224 -11.97 -0.41 11.38
N HIS A 225 -13.27 -0.73 11.41
CA HIS A 225 -14.27 0.32 11.52
C HIS A 225 -14.23 1.04 12.86
N ILE A 226 -13.96 0.32 13.95
CA ILE A 226 -14.15 0.81 15.31
C ILE A 226 -12.84 1.17 15.99
N ALA A 227 -11.71 1.15 15.28
CA ALA A 227 -10.42 1.25 15.94
C ALA A 227 -10.27 2.56 16.71
N GLY A 228 -10.82 3.68 16.20
CA GLY A 228 -10.73 4.91 16.97
C GLY A 228 -11.56 4.90 18.23
N LEU A 229 -12.69 4.19 18.22
CA LEU A 229 -13.52 4.04 19.42
C LEU A 229 -12.82 3.14 20.42
N VAL A 230 -12.18 2.07 19.95
CA VAL A 230 -11.37 1.23 20.84
C VAL A 230 -10.25 2.07 21.46
N ALA A 231 -9.54 2.85 20.64
CA ALA A 231 -8.39 3.61 21.09
C ALA A 231 -8.76 4.60 22.19
N SER A 232 -9.98 5.12 22.14
CA SER A 232 -10.42 6.16 23.07
C SER A 232 -11.21 5.61 24.23
N GLY A 233 -11.37 4.29 24.32
CA GLY A 233 -12.12 3.69 25.41
C GLY A 233 -13.62 3.71 25.25
N HIS A 234 -14.12 4.07 24.07
CA HIS A 234 -15.55 4.10 23.79
C HIS A 234 -16.09 2.79 23.20
N HIS A 235 -15.28 1.73 23.15
CA HIS A 235 -15.71 0.42 22.75
C HIS A 235 -14.76 -0.49 23.49
N PRO A 236 -15.19 -1.67 23.93
CA PRO A 236 -14.28 -2.62 24.58
C PRO A 236 -13.06 -2.92 23.72
N ASN A 237 -11.91 -3.12 24.36
CA ASN A 237 -10.64 -3.39 23.67
C ASN A 237 -10.50 -4.89 23.42
N PRO A 238 -10.28 -5.31 22.17
CA PRO A 238 -10.05 -6.75 21.92
C PRO A 238 -8.66 -7.23 22.24
N VAL A 239 -7.68 -6.32 22.41
CA VAL A 239 -6.28 -6.76 22.53
C VAL A 239 -6.06 -7.77 23.65
N PRO A 240 -6.63 -7.60 24.87
CA PRO A 240 -6.35 -8.58 25.94
C PRO A 240 -6.96 -9.94 25.68
N HIS A 241 -7.89 -10.05 24.76
CA HIS A 241 -8.71 -11.25 24.64
C HIS A 241 -8.45 -12.07 23.41
N CYS A 242 -7.97 -11.46 22.33
CA CYS A 242 -7.81 -12.12 21.05
C CYS A 242 -6.35 -12.50 20.87
N ASP A 243 -6.12 -13.48 20.00
CA ASP A 243 -4.74 -13.79 19.66
C ASP A 243 -4.08 -12.67 18.89
N VAL A 244 -4.86 -11.91 18.11
CA VAL A 244 -4.30 -10.89 17.24
C VAL A 244 -5.44 -9.97 16.89
N VAL A 245 -5.11 -8.69 16.67
CA VAL A 245 -6.05 -7.65 16.31
C VAL A 245 -5.49 -6.96 15.07
N THR A 246 -6.29 -6.87 14.01
CA THR A 246 -5.88 -6.12 12.84
C THR A 246 -6.75 -4.87 12.72
N THR A 247 -6.25 -3.87 11.99
CA THR A 247 -7.10 -2.75 11.70
C THR A 247 -6.55 -1.97 10.51
N THR A 248 -7.44 -1.20 9.88
CA THR A 248 -7.07 -0.05 9.08
C THR A 248 -6.69 1.14 9.97
N THR A 249 -5.86 2.02 9.44
CA THR A 249 -5.52 3.24 10.16
C THR A 249 -6.40 4.42 9.80
N HIS A 250 -7.34 4.27 8.81
CA HIS A 250 -7.99 5.41 8.17
C HIS A 250 -9.50 5.54 8.40
N LYS A 251 -10.17 4.66 9.16
CA LYS A 251 -11.63 4.80 9.36
C LYS A 251 -11.84 5.66 10.61
N THR A 252 -12.40 5.12 11.70
CA THR A 252 -12.57 5.98 12.88
C THR A 252 -11.24 6.42 13.49
N LEU A 253 -10.13 5.71 13.22
CA LEU A 253 -8.82 6.14 13.73
C LEU A 253 -8.30 7.41 13.05
N ARG A 254 -8.84 7.79 11.89
CA ARG A 254 -8.60 9.11 11.31
C ARG A 254 -7.16 9.29 10.82
N GLY A 255 -6.48 8.19 10.49
CA GLY A 255 -5.11 8.26 10.05
C GLY A 255 -4.96 8.21 8.53
N PRO A 256 -3.73 8.01 8.06
CA PRO A 256 -3.51 7.76 6.62
C PRO A 256 -4.06 6.37 6.26
N ARG A 257 -4.14 6.11 4.97
CA ARG A 257 -4.74 4.87 4.48
C ARG A 257 -3.69 3.74 4.58
N GLY A 258 -3.96 2.72 5.39
CA GLY A 258 -3.01 1.64 5.61
C GLY A 258 -3.51 0.68 6.68
N GLY A 259 -2.67 -0.28 7.06
CA GLY A 259 -3.03 -1.31 8.01
C GLY A 259 -2.10 -1.39 9.22
N LEU A 260 -2.44 -2.32 10.12
CA LEU A 260 -1.74 -2.39 11.41
C LEU A 260 -2.08 -3.75 12.00
N ILE A 261 -1.09 -4.42 12.61
CA ILE A 261 -1.28 -5.68 13.32
C ILE A 261 -0.83 -5.50 14.77
N LEU A 262 -1.70 -5.88 15.71
CA LEU A 262 -1.42 -5.76 17.14
C LEU A 262 -1.59 -7.12 17.79
N THR A 263 -0.82 -7.39 18.85
CA THR A 263 -1.07 -8.61 19.61
C THR A 263 -0.62 -8.44 21.05
N ARG A 264 -1.31 -9.14 21.96
CA ARG A 264 -0.93 -9.27 23.36
C ARG A 264 0.25 -10.21 23.56
N ASP A 265 0.62 -10.98 22.55
CA ASP A 265 1.64 -12.02 22.73
C ASP A 265 2.88 -11.65 21.92
N PRO A 266 3.99 -11.27 22.56
CA PRO A 266 5.13 -10.80 21.78
C PRO A 266 5.78 -11.90 20.94
N GLU A 267 5.66 -13.17 21.32
CA GLU A 267 6.19 -14.24 20.48
C GLU A 267 5.36 -14.39 19.21
N LEU A 268 4.04 -14.28 19.32
CA LEU A 268 3.21 -14.22 18.11
C LEU A 268 3.57 -12.99 17.28
N GLY A 269 3.83 -11.88 17.97
CA GLY A 269 4.22 -10.66 17.27
C GLY A 269 5.41 -10.85 16.35
N LYS A 270 6.42 -11.59 16.83
CA LYS A 270 7.59 -11.88 15.98
C LYS A 270 7.19 -12.65 14.74
N LYS A 271 6.28 -13.63 14.89
CA LYS A 271 5.82 -14.37 13.72
C LYS A 271 5.02 -13.48 12.78
N PHE A 272 4.17 -12.59 13.30
CA PHE A 272 3.46 -11.67 12.41
C PHE A 272 4.43 -10.76 11.66
N ASN A 273 5.50 -10.30 12.31
CA ASN A 273 6.48 -9.50 11.59
C ASN A 273 7.01 -10.25 10.38
N LYS A 274 7.39 -11.52 10.59
CA LYS A 274 7.94 -12.29 9.46
C LYS A 274 6.91 -12.53 8.36
N SER A 275 5.63 -12.61 8.73
CA SER A 275 4.58 -12.78 7.72
C SER A 275 4.29 -11.50 6.97
N VAL A 276 4.54 -10.33 7.58
CA VAL A 276 4.45 -9.10 6.80
C VAL A 276 5.62 -9.02 5.84
N PHE A 277 6.83 -9.10 6.36
CA PHE A 277 8.02 -9.11 5.51
C PHE A 277 8.97 -10.16 6.06
N PRO A 278 9.45 -11.09 5.23
CA PRO A 278 9.28 -11.22 3.76
C PRO A 278 8.02 -12.03 3.39
N GLY A 279 7.09 -12.30 4.30
CA GLY A 279 6.03 -13.24 4.00
C GLY A 279 5.06 -12.76 2.94
N THR A 280 4.68 -11.45 2.96
CA THR A 280 3.56 -10.93 2.19
C THR A 280 3.94 -9.71 1.36
N GLN A 281 4.75 -8.83 1.91
CA GLN A 281 5.07 -7.54 1.31
C GLN A 281 6.58 -7.47 1.02
N GLY A 282 6.94 -6.46 0.22
CA GLY A 282 8.34 -6.07 0.05
C GLY A 282 8.59 -4.81 0.87
N GLY A 283 8.89 -3.68 0.23
CA GLY A 283 9.20 -2.48 0.96
C GLY A 283 7.95 -1.88 1.60
N PRO A 284 8.08 -1.36 2.82
CA PRO A 284 6.99 -0.63 3.46
C PRO A 284 6.88 0.80 2.93
N LEU A 285 5.71 1.41 3.11
CA LEU A 285 5.52 2.79 2.67
C LEU A 285 5.87 3.71 3.83
N GLU A 286 7.11 4.20 3.88
CA GLU A 286 7.55 4.87 5.10
C GLU A 286 6.96 6.27 5.25
N HIS A 287 6.57 6.91 4.16
CA HIS A 287 5.82 8.16 4.26
C HIS A 287 4.46 7.92 4.91
N VAL A 288 3.80 6.81 4.55
CA VAL A 288 2.53 6.48 5.18
C VAL A 288 2.75 6.12 6.65
N ILE A 289 3.82 5.41 6.96
CA ILE A 289 4.14 5.04 8.33
C ILE A 289 4.41 6.27 9.20
N ALA A 290 5.06 7.30 8.65
CA ALA A 290 5.19 8.55 9.41
C ALA A 290 3.81 9.11 9.70
N GLY A 291 2.89 9.01 8.72
CA GLY A 291 1.53 9.45 8.95
C GLY A 291 0.80 8.63 10.01
N LYS A 292 1.09 7.32 10.08
CA LYS A 292 0.53 6.49 11.14
C LYS A 292 1.04 6.96 12.49
N ALA A 293 2.35 7.26 12.60
CA ALA A 293 2.87 7.80 13.86
C ALA A 293 2.12 9.07 14.23
N VAL A 294 1.92 9.98 13.29
CA VAL A 294 1.22 11.23 13.58
C VAL A 294 -0.20 10.93 14.05
N ALA A 295 -0.93 10.06 13.33
CA ALA A 295 -2.29 9.75 13.72
C ALA A 295 -2.35 9.09 15.10
N PHE A 296 -1.43 8.19 15.41
CA PHE A 296 -1.46 7.57 16.74
C PHE A 296 -1.18 8.61 17.82
N GLY A 297 -0.26 9.55 17.56
CA GLY A 297 -0.02 10.65 18.49
C GLY A 297 -1.25 11.51 18.70
N GLU A 298 -1.99 11.80 17.63
CA GLU A 298 -3.23 12.55 17.77
C GLU A 298 -4.25 11.78 18.61
N ALA A 299 -4.31 10.45 18.43
CA ALA A 299 -5.30 9.63 19.12
C ALA A 299 -4.98 9.45 20.59
N LEU A 300 -3.74 9.65 20.99
CA LEU A 300 -3.36 9.60 22.39
C LEU A 300 -3.80 10.85 23.15
N LYS A 301 -4.21 11.90 22.49
CA LYS A 301 -4.54 13.14 23.19
C LYS A 301 -5.98 13.12 23.71
N PRO A 302 -6.27 13.90 24.76
CA PRO A 302 -7.65 13.92 25.27
C PRO A 302 -8.66 14.41 24.24
N GLU A 303 -8.26 15.30 23.34
CA GLU A 303 -9.22 15.78 22.35
C GLU A 303 -9.76 14.64 21.50
N PHE A 304 -8.94 13.61 21.23
CA PHE A 304 -9.41 12.48 20.41
C PHE A 304 -10.50 11.69 21.15
N LYS A 305 -10.37 11.55 22.47
CA LYS A 305 -11.40 10.89 23.25
C LYS A 305 -12.71 11.66 23.17
N ALA A 306 -12.65 13.00 23.26
CA ALA A 306 -13.86 13.80 23.11
C ALA A 306 -14.44 13.68 21.71
N TYR A 307 -13.58 13.69 20.68
CA TYR A 307 -14.03 13.47 19.31
C TYR A 307 -14.77 12.13 19.17
N SER A 308 -14.19 11.07 19.71
CA SER A 308 -14.79 9.74 19.59
C SER A 308 -16.13 9.67 20.29
N GLY A 309 -16.26 10.31 21.46
CA GLY A 309 -17.56 10.33 22.10
C GLY A 309 -18.57 11.10 21.27
N GLN A 310 -18.14 12.20 20.64
CA GLN A 310 -19.02 12.95 19.77
C GLN A 310 -19.42 12.14 18.53
N VAL A 311 -18.49 11.33 18.00
CA VAL A 311 -18.80 10.48 16.86
C VAL A 311 -19.98 9.58 17.18
N ILE A 312 -19.95 8.95 18.35
CA ILE A 312 -21.04 8.05 18.73
C ILE A 312 -22.32 8.85 18.96
N ALA A 313 -22.23 9.94 19.73
CA ALA A 313 -23.45 10.70 19.99
C ALA A 313 -24.08 11.18 18.70
N ASN A 314 -23.25 11.57 17.72
CA ASN A 314 -23.76 12.09 16.45
C ASN A 314 -24.41 10.99 15.63
N ALA A 315 -23.77 9.80 15.58
CA ALA A 315 -24.40 8.68 14.87
C ALA A 315 -25.73 8.32 15.51
N GLN A 316 -25.77 8.32 16.86
CA GLN A 316 -27.01 7.98 17.55
C GLN A 316 -28.09 9.00 17.28
N ALA A 317 -27.71 10.28 17.23
CA ALA A 317 -28.71 11.32 16.95
C ALA A 317 -29.28 11.17 15.54
N MET A 318 -28.44 10.82 14.57
CA MET A 318 -28.94 10.63 13.20
C MET A 318 -29.82 9.39 13.11
N ALA A 319 -29.41 8.31 13.75
CA ALA A 319 -30.24 7.11 13.76
C ALA A 319 -31.60 7.38 14.40
N GLN A 320 -31.59 8.06 15.56
CA GLN A 320 -32.83 8.31 16.28
C GLN A 320 -33.77 9.18 15.46
N GLN A 321 -33.24 10.22 14.82
CA GLN A 321 -34.11 11.10 14.04
C GLN A 321 -34.61 10.40 12.78
N LEU A 322 -33.79 9.56 12.13
CA LEU A 322 -34.30 8.75 11.03
C LEU A 322 -35.46 7.87 11.51
N GLN A 323 -35.32 7.26 12.70
CA GLN A 323 -36.43 6.45 13.22
C GLN A 323 -37.65 7.30 13.53
N ASN A 324 -37.46 8.51 14.04
CA ASN A 324 -38.59 9.41 14.29
C ASN A 324 -39.31 9.75 12.99
N ARG A 325 -38.59 9.76 11.87
CA ARG A 325 -39.17 10.01 10.57
C ARG A 325 -39.76 8.75 9.94
N GLY A 326 -39.75 7.61 10.62
CA GLY A 326 -40.37 6.42 10.08
C GLY A 326 -39.43 5.45 9.40
N PHE A 327 -38.14 5.73 9.36
CA PHE A 327 -37.18 4.81 8.78
C PHE A 327 -36.77 3.76 9.80
N LYS A 328 -36.34 2.60 9.30
CA LYS A 328 -35.86 1.52 10.13
C LYS A 328 -34.34 1.49 10.10
N ILE A 329 -33.74 1.24 11.27
CA ILE A 329 -32.29 1.09 11.41
C ILE A 329 -32.04 -0.36 11.81
N VAL A 330 -31.16 -1.06 11.11
CA VAL A 330 -30.91 -2.46 11.44
C VAL A 330 -30.43 -2.57 12.89
N SER A 331 -31.07 -3.48 13.66
CA SER A 331 -30.85 -3.73 15.08
C SER A 331 -31.53 -2.72 15.98
N GLY A 332 -32.16 -1.68 15.43
CA GLY A 332 -32.93 -0.73 16.21
C GLY A 332 -32.14 0.46 16.70
N GLY A 333 -30.92 0.65 16.24
CA GLY A 333 -30.11 1.76 16.67
C GLY A 333 -28.64 1.42 16.51
N THR A 334 -27.79 2.24 17.12
CA THR A 334 -26.35 2.00 17.03
C THR A 334 -25.68 2.32 18.33
N ASP A 335 -24.59 1.55 18.61
CA ASP A 335 -23.68 1.80 19.73
C ASP A 335 -22.40 2.44 19.26
N ASN A 336 -22.24 2.62 17.94
CA ASN A 336 -20.96 3.10 17.43
C ASN A 336 -21.19 4.25 16.45
N HIS A 337 -20.35 4.37 15.41
CA HIS A 337 -20.36 5.47 14.46
C HIS A 337 -21.23 5.20 13.23
N LEU A 338 -21.78 3.99 13.08
CA LEU A 338 -22.41 3.63 11.82
C LEU A 338 -23.82 3.09 11.99
N MET A 339 -24.53 2.99 10.88
CA MET A 339 -25.88 2.42 10.87
C MET A 339 -26.20 1.99 9.45
N LEU A 340 -27.14 1.04 9.36
CA LEU A 340 -27.75 0.67 8.07
C LEU A 340 -29.21 1.08 8.12
N VAL A 341 -29.64 1.89 7.15
CA VAL A 341 -31.06 2.13 6.95
C VAL A 341 -31.62 0.93 6.20
N ASP A 342 -32.67 0.32 6.73
CA ASP A 342 -33.24 -0.91 6.20
C ASP A 342 -34.41 -0.55 5.32
N LEU A 343 -34.29 -0.80 4.03
CA LEU A 343 -35.29 -0.43 3.03
C LEU A 343 -36.09 -1.61 2.54
N ARG A 344 -36.04 -2.75 3.24
CA ARG A 344 -36.78 -3.93 2.77
C ARG A 344 -38.27 -3.65 2.68
N SER A 345 -38.80 -2.80 3.56
CA SER A 345 -40.23 -2.53 3.58
C SER A 345 -40.56 -1.17 2.99
N VAL A 346 -39.64 -0.59 2.22
CA VAL A 346 -39.80 0.72 1.59
C VAL A 346 -39.75 0.49 0.09
N ASN A 347 -40.54 1.27 -0.66
CA ASN A 347 -40.54 1.13 -2.12
C ASN A 347 -39.39 1.83 -2.84
N LEU A 348 -38.18 1.68 -2.30
CA LEU A 348 -36.92 2.10 -2.88
C LEU A 348 -35.91 1.01 -2.56
N THR A 349 -34.97 0.81 -3.49
CA THR A 349 -33.83 -0.05 -3.20
C THR A 349 -32.71 0.76 -2.54
N GLY A 350 -31.71 0.06 -2.02
CA GLY A 350 -30.54 0.76 -1.50
C GLY A 350 -29.79 1.54 -2.57
N LYS A 351 -29.68 0.96 -3.77
CA LYS A 351 -29.08 1.67 -4.88
C LYS A 351 -29.81 2.98 -5.18
N GLN A 352 -31.14 2.93 -5.19
CA GLN A 352 -31.91 4.15 -5.43
C GLN A 352 -31.75 5.15 -4.29
N ALA A 353 -31.75 4.68 -3.04
CA ALA A 353 -31.61 5.60 -1.91
C ALA A 353 -30.26 6.30 -1.97
N ASP A 354 -29.20 5.54 -2.28
CA ASP A 354 -27.88 6.14 -2.46
C ASP A 354 -27.88 7.18 -3.58
N GLN A 355 -28.50 6.88 -4.71
CA GLN A 355 -28.61 7.85 -5.77
C GLN A 355 -29.36 9.09 -5.31
N LEU A 356 -30.50 8.89 -4.64
CA LEU A 356 -31.36 10.01 -4.28
C LEU A 356 -30.66 10.96 -3.30
N VAL A 357 -29.86 10.42 -2.38
CA VAL A 357 -29.14 11.32 -1.46
C VAL A 357 -27.97 11.99 -2.17
N SER A 358 -27.34 11.29 -3.13
CA SER A 358 -26.27 11.90 -3.91
C SER A 358 -26.81 13.10 -4.67
N ASP A 359 -28.08 13.04 -5.09
CA ASP A 359 -28.70 14.14 -5.84
C ASP A 359 -28.83 15.41 -5.01
N VAL A 360 -28.76 15.31 -3.69
CA VAL A 360 -28.80 16.49 -2.83
C VAL A 360 -27.46 16.68 -2.11
N ASN A 361 -26.38 16.16 -2.72
CA ASN A 361 -25.01 16.39 -2.28
C ASN A 361 -24.66 15.69 -0.98
N ILE A 362 -25.22 14.48 -0.79
CA ILE A 362 -24.93 13.60 0.32
C ILE A 362 -24.27 12.35 -0.23
N THR A 363 -23.09 12.02 0.29
CA THR A 363 -22.28 10.89 -0.21
C THR A 363 -22.35 9.74 0.80
N ALA A 364 -22.75 8.58 0.32
CA ALA A 364 -22.85 7.40 1.18
C ALA A 364 -22.51 6.18 0.34
N ASN A 365 -22.97 5.00 0.77
CA ASN A 365 -22.92 3.83 -0.11
C ASN A 365 -24.14 2.94 0.14
N LYS A 366 -24.63 2.34 -0.95
CA LYS A 366 -25.64 1.29 -0.80
C LYS A 366 -25.00 0.10 -0.11
N ASN A 367 -25.81 -0.70 0.58
CA ASN A 367 -25.21 -1.77 1.39
C ASN A 367 -26.25 -2.85 1.61
N THR A 368 -25.84 -4.10 1.43
CA THR A 368 -26.68 -5.23 1.77
C THR A 368 -27.05 -5.16 3.26
N VAL A 369 -28.28 -5.54 3.60
CA VAL A 369 -28.71 -5.69 5.00
C VAL A 369 -28.79 -7.18 5.34
N PRO A 370 -28.78 -7.54 6.61
CA PRO A 370 -29.02 -8.95 6.97
C PRO A 370 -30.38 -9.40 6.40
N PHE A 371 -30.39 -10.60 5.80
CA PHE A 371 -31.60 -11.17 5.22
C PHE A 371 -32.06 -10.40 3.99
N ASP A 372 -31.15 -9.74 3.30
CA ASP A 372 -31.56 -8.91 2.16
C ASP A 372 -32.07 -9.79 1.02
N PRO A 373 -33.27 -9.51 0.49
CA PRO A 373 -33.77 -10.24 -0.68
C PRO A 373 -33.12 -9.81 -1.97
N GLU A 374 -32.41 -8.70 -1.95
CA GLU A 374 -31.92 -8.08 -3.16
C GLU A 374 -30.54 -8.53 -3.49
N SER A 375 -30.24 -8.44 -4.77
CA SER A 375 -28.92 -8.65 -5.28
C SER A 375 -27.93 -7.68 -4.63
N PRO A 376 -26.69 -8.10 -4.45
CA PRO A 376 -25.64 -7.18 -3.97
C PRO A 376 -25.38 -5.98 -4.92
N PHE A 377 -25.81 -6.09 -6.17
CA PHE A 377 -25.73 -4.94 -7.06
C PHE A 377 -26.85 -3.95 -6.83
N VAL A 378 -27.83 -4.29 -6.00
CA VAL A 378 -29.02 -3.48 -5.82
C VAL A 378 -29.15 -3.13 -4.34
N THR A 379 -29.27 -4.17 -3.49
CA THR A 379 -29.33 -4.07 -2.02
C THR A 379 -30.64 -3.46 -1.54
N SER A 380 -30.88 -3.62 -0.24
CA SER A 380 -31.99 -2.99 0.45
C SER A 380 -31.50 -2.10 1.59
N GLY A 381 -30.27 -1.56 1.54
CA GLY A 381 -29.77 -0.78 2.64
C GLY A 381 -28.98 0.42 2.17
N LEU A 382 -28.86 1.38 3.07
CA LEU A 382 -28.01 2.55 2.91
C LEU A 382 -27.15 2.65 4.16
N ARG A 383 -25.83 2.57 4.00
CA ARG A 383 -24.92 2.67 5.16
C ARG A 383 -24.53 4.12 5.35
N LEU A 384 -24.69 4.62 6.59
CA LEU A 384 -24.34 5.98 6.96
C LEU A 384 -23.43 5.97 8.18
N GLY A 385 -22.49 6.92 8.26
CA GLY A 385 -21.69 7.06 9.46
C GLY A 385 -21.37 8.49 9.75
N SER A 386 -21.07 8.76 11.02
CA SER A 386 -20.72 10.09 11.51
C SER A 386 -19.25 10.52 11.52
N PRO A 387 -18.21 9.67 11.33
CA PRO A 387 -16.84 10.16 11.63
C PRO A 387 -16.41 11.40 10.86
N ALA A 388 -16.64 11.44 9.55
CA ALA A 388 -16.06 12.51 8.72
C ALA A 388 -16.71 13.85 9.02
N MET A 389 -18.05 13.88 9.15
CA MET A 389 -18.64 15.18 9.43
C MET A 389 -18.47 15.58 10.88
N THR A 390 -18.29 14.61 11.80
CA THR A 390 -17.92 14.99 13.16
C THR A 390 -16.55 15.66 13.17
N THR A 391 -15.61 15.20 12.33
CA THR A 391 -14.30 15.85 12.25
C THR A 391 -14.44 17.30 11.83
N ARG A 392 -15.42 17.61 11.00
CA ARG A 392 -15.67 19.00 10.60
C ARG A 392 -16.34 19.84 11.69
N GLY A 393 -16.76 19.26 12.80
CA GLY A 393 -17.30 20.04 13.90
C GLY A 393 -18.78 19.92 14.14
N LEU A 394 -19.49 19.11 13.38
CA LEU A 394 -20.93 19.04 13.55
C LEU A 394 -21.26 18.38 14.88
N GLY A 395 -22.38 18.80 15.47
CA GLY A 395 -22.87 18.26 16.71
C GLY A 395 -24.14 17.46 16.54
N THR A 396 -24.78 17.12 17.67
CA THR A 396 -25.92 16.22 17.57
C THR A 396 -27.11 16.87 16.87
N GLU A 397 -27.38 18.15 17.14
CA GLU A 397 -28.47 18.82 16.44
C GLU A 397 -28.22 18.86 14.93
N ASP A 398 -26.96 19.02 14.52
CA ASP A 398 -26.63 19.00 13.10
C ASP A 398 -26.87 17.63 12.50
N PHE A 399 -26.58 16.56 13.25
CA PHE A 399 -26.87 15.23 12.74
C PHE A 399 -28.36 14.93 12.71
N ALA A 400 -29.14 15.46 13.65
CA ALA A 400 -30.60 15.39 13.52
C ALA A 400 -31.08 16.09 12.26
N GLU A 401 -30.47 17.23 11.92
CA GLU A 401 -30.78 17.92 10.68
C GLU A 401 -30.41 17.08 9.47
N ILE A 402 -29.23 16.43 9.48
CA ILE A 402 -28.87 15.53 8.38
C ILE A 402 -29.95 14.46 8.21
N ALA A 403 -30.36 13.84 9.32
CA ALA A 403 -31.43 12.84 9.23
C ALA A 403 -32.67 13.41 8.58
N ASN A 404 -33.05 14.65 8.93
CA ASN A 404 -34.25 15.23 8.36
C ASN A 404 -34.09 15.56 6.88
N ILE A 405 -32.90 15.97 6.44
CA ILE A 405 -32.64 16.20 5.02
C ILE A 405 -32.79 14.91 4.25
N ILE A 406 -32.18 13.84 4.77
CA ILE A 406 -32.27 12.53 4.11
C ILE A 406 -33.72 12.07 4.06
N ALA A 407 -34.45 12.17 5.18
CA ALA A 407 -35.81 11.68 5.22
C ALA A 407 -36.68 12.46 4.25
N ASP A 408 -36.51 13.80 4.20
CA ASP A 408 -37.26 14.62 3.24
C ASP A 408 -37.05 14.13 1.81
N ARG A 409 -35.79 13.88 1.45
CA ARG A 409 -35.49 13.48 0.07
C ARG A 409 -36.05 12.10 -0.22
N LEU A 410 -35.83 11.13 0.69
CA LEU A 410 -36.30 9.78 0.44
C LEU A 410 -37.83 9.65 0.48
N GLN A 411 -38.52 10.46 1.29
CA GLN A 411 -39.97 10.43 1.31
C GLN A 411 -40.59 11.10 0.10
N ASN A 412 -39.85 11.98 -0.57
CA ASN A 412 -40.39 12.79 -1.68
C ASN A 412 -39.44 12.79 -2.87
N PRO A 413 -39.16 11.61 -3.44
CA PRO A 413 -38.06 11.53 -4.42
C PRO A 413 -38.24 12.34 -5.68
N GLU A 414 -39.47 12.69 -6.03
CA GLU A 414 -39.73 13.41 -7.27
C GLU A 414 -40.00 14.90 -7.02
N ASP A 415 -40.04 15.33 -5.76
CA ASP A 415 -40.45 16.69 -5.42
C ASP A 415 -39.27 17.65 -5.56
N GLU A 416 -39.37 18.51 -6.56
CA GLU A 416 -38.27 19.40 -6.92
C GLU A 416 -38.07 20.51 -5.90
N GLN A 417 -39.15 21.00 -5.27
CA GLN A 417 -38.99 22.01 -4.24
C GLN A 417 -38.30 21.44 -3.01
N VAL A 418 -38.67 20.22 -2.62
CA VAL A 418 -37.99 19.56 -1.50
C VAL A 418 -36.53 19.32 -1.85
N LYS A 419 -36.26 18.94 -3.11
CA LYS A 419 -34.88 18.70 -3.52
C LYS A 419 -34.03 19.96 -3.35
N GLN A 420 -34.53 21.09 -3.85
CA GLN A 420 -33.77 22.32 -3.72
C GLN A 420 -33.61 22.75 -2.26
N ALA A 421 -34.63 22.53 -1.40
CA ALA A 421 -34.47 22.82 0.01
C ALA A 421 -33.42 21.94 0.65
N CYS A 422 -33.40 20.65 0.30
CA CYS A 422 -32.35 19.76 0.78
C CYS A 422 -30.97 20.25 0.37
N VAL A 423 -30.82 20.62 -0.93
CA VAL A 423 -29.53 21.12 -1.43
C VAL A 423 -29.11 22.33 -0.61
N GLN A 424 -30.03 23.26 -0.33
CA GLN A 424 -29.65 24.44 0.42
C GLN A 424 -29.25 24.09 1.84
N ARG A 425 -29.95 23.13 2.45
CA ARG A 425 -29.63 22.76 3.82
C ARG A 425 -28.29 22.07 3.92
N VAL A 426 -27.92 21.28 2.92
CA VAL A 426 -26.58 20.69 2.87
C VAL A 426 -25.52 21.80 2.73
N ALA A 427 -25.77 22.74 1.81
CA ALA A 427 -24.83 23.85 1.62
C ALA A 427 -24.66 24.69 2.88
N ALA A 428 -25.74 24.88 3.63
CA ALA A 428 -25.61 25.62 4.88
C ALA A 428 -24.67 24.91 5.87
N LEU A 429 -24.82 23.59 6.03
CA LEU A 429 -23.92 22.87 6.92
C LEU A 429 -22.49 22.93 6.42
N CYS A 430 -22.28 22.75 5.10
CA CYS A 430 -20.91 22.73 4.61
C CYS A 430 -20.24 24.07 4.78
N GLU A 431 -21.00 25.16 4.66
CA GLU A 431 -20.41 26.48 4.82
C GLU A 431 -20.14 26.80 6.29
N ARG A 432 -21.01 26.33 7.18
CA ARG A 432 -20.83 26.61 8.60
C ARG A 432 -19.66 25.84 9.18
N PHE A 433 -19.30 24.70 8.58
CA PHE A 433 -18.26 23.82 9.11
C PHE A 433 -17.25 23.56 8.00
N PRO A 434 -16.36 24.52 7.73
CA PRO A 434 -15.44 24.39 6.60
C PRO A 434 -14.47 23.23 6.79
N LEU A 435 -13.91 22.79 5.65
CA LEU A 435 -12.97 21.67 5.62
C LEU A 435 -11.64 22.14 5.03
N TYR A 436 -10.54 21.91 5.75
CA TYR A 436 -9.21 22.30 5.30
C TYR A 436 -9.16 23.73 4.76
N PRO A 437 -9.65 24.71 5.51
CA PRO A 437 -9.79 26.05 4.93
C PRO A 437 -8.48 26.69 4.50
N HIS A 438 -7.34 26.22 5.01
CA HIS A 438 -6.06 26.79 4.62
C HIS A 438 -5.58 26.36 3.24
N LEU A 439 -6.17 25.32 2.64
CA LEU A 439 -5.71 24.86 1.34
C LEU A 439 -6.29 25.76 0.26
N ASN A 440 -5.42 26.40 -0.52
CA ASN A 440 -5.85 27.26 -1.63
C ASN A 440 -5.57 26.56 -2.96
N ALA A 441 -6.05 27.17 -4.03
CA ALA A 441 -5.70 26.72 -5.36
C ALA A 441 -4.26 27.16 -5.68
N PRO A 442 -3.50 26.36 -6.47
CA PRO A 442 -2.12 26.77 -6.81
C PRO A 442 -2.04 28.08 -7.58
N GLN B 23 -1.10 29.29 6.12
CA GLN B 23 -0.58 28.11 6.82
C GLN B 23 -0.59 26.85 5.91
N THR B 24 0.46 26.05 6.01
CA THR B 24 0.61 24.87 5.18
C THR B 24 0.46 23.59 6.00
N ASN B 25 0.25 22.46 5.32
CA ASN B 25 0.23 21.18 6.02
C ASN B 25 1.54 20.94 6.75
N LEU B 26 2.68 21.33 6.16
CA LEU B 26 3.94 21.16 6.87
C LEU B 26 3.99 22.00 8.14
N ASP B 27 3.41 23.21 8.12
CA ASP B 27 3.32 24.01 9.34
C ASP B 27 2.53 23.26 10.42
N PHE B 28 1.40 22.66 10.05
CA PHE B 28 0.62 21.90 11.02
C PHE B 28 1.44 20.74 11.57
N LEU B 29 2.22 20.06 10.72
CA LEU B 29 3.04 18.96 11.22
C LEU B 29 4.05 19.46 12.25
N LEU B 30 4.76 20.55 11.94
CA LEU B 30 5.71 21.11 12.90
C LEU B 30 5.04 21.47 14.21
N GLN B 31 3.87 22.09 14.13
CA GLN B 31 3.22 22.58 15.35
C GLN B 31 2.71 21.42 16.20
N THR B 32 2.19 20.37 15.56
CA THR B 32 1.47 19.34 16.31
C THR B 32 2.30 18.11 16.60
N ASP B 33 3.36 17.85 15.83
CA ASP B 33 4.19 16.67 16.08
C ASP B 33 5.62 17.05 15.71
N PRO B 34 6.26 17.88 16.55
CA PRO B 34 7.65 18.25 16.28
C PRO B 34 8.60 17.06 16.23
N THR B 35 8.32 15.98 16.97
CA THR B 35 9.15 14.79 16.89
C THR B 35 9.22 14.26 15.45
N ILE B 36 8.05 13.99 14.87
CA ILE B 36 8.01 13.45 13.51
C ILE B 36 8.51 14.48 12.50
N SER B 37 8.12 15.75 12.67
CA SER B 37 8.57 16.81 11.78
C SER B 37 10.09 16.84 11.71
N GLY B 38 10.75 16.78 12.87
CA GLY B 38 12.20 16.87 12.86
C GLY B 38 12.87 15.66 12.23
N MET B 39 12.33 14.45 12.47
CA MET B 39 12.89 13.26 11.85
C MET B 39 12.72 13.29 10.33
N MET B 40 11.60 13.83 9.85
N MET B 40 11.58 13.81 9.85
CA MET B 40 11.35 13.93 8.42
CA MET B 40 11.35 13.94 8.42
C MET B 40 12.33 14.91 7.79
C MET B 40 12.36 14.90 7.80
N GLN B 41 12.58 16.04 8.45
CA GLN B 41 13.55 16.99 7.92
C GLN B 41 14.95 16.39 7.91
N LYS B 42 15.29 15.57 8.91
CA LYS B 42 16.59 14.90 8.89
C LYS B 42 16.69 13.94 7.73
N GLU B 43 15.58 13.26 7.34
CA GLU B 43 15.64 12.38 6.19
C GLU B 43 15.85 13.16 4.89
N LEU B 44 15.23 14.34 4.76
CA LEU B 44 15.51 15.19 3.61
C LEU B 44 17.00 15.56 3.54
N GLN B 45 17.57 15.98 4.68
CA GLN B 45 18.99 16.30 4.71
C GLN B 45 19.83 15.07 4.38
N ARG B 46 19.44 13.91 4.88
CA ARG B 46 20.16 12.66 4.58
C ARG B 46 20.17 12.40 3.09
N GLN B 47 19.01 12.51 2.43
CA GLN B 47 18.97 12.31 1.00
C GLN B 47 19.86 13.30 0.28
N ARG B 48 19.89 14.54 0.75
CA ARG B 48 20.70 15.55 0.08
C ARG B 48 22.20 15.29 0.20
N GLU B 49 22.64 14.74 1.34
CA GLU B 49 24.05 14.71 1.71
C GLU B 49 24.70 13.33 1.60
N HIS B 50 24.03 12.37 0.98
CA HIS B 50 24.64 11.07 0.70
C HIS B 50 24.62 10.81 -0.80
N LEU B 51 25.56 9.98 -1.27
CA LEU B 51 25.40 9.39 -2.59
C LEU B 51 24.44 8.23 -2.44
N GLU B 52 23.24 8.39 -3.01
CA GLU B 52 22.20 7.36 -2.87
C GLU B 52 22.38 6.40 -4.04
N LEU B 53 23.12 5.30 -3.79
CA LEU B 53 23.48 4.33 -4.83
C LEU B 53 22.66 3.05 -4.73
N ILE B 54 21.65 3.02 -3.85
CA ILE B 54 20.76 1.86 -3.80
C ILE B 54 20.07 1.74 -5.16
N ALA B 55 20.22 0.58 -5.80
CA ALA B 55 19.84 0.47 -7.21
C ALA B 55 18.34 0.56 -7.44
N SER B 56 17.53 0.25 -6.42
CA SER B 56 16.08 0.27 -6.49
C SER B 56 15.47 1.59 -6.03
N GLU B 57 16.29 2.59 -5.67
CA GLU B 57 15.76 3.89 -5.25
C GLU B 57 15.80 4.91 -6.37
N ASN B 58 15.05 5.97 -6.19
CA ASN B 58 15.03 7.09 -7.09
C ASN B 58 14.60 8.30 -6.28
N PHE B 59 14.58 9.47 -6.92
CA PHE B 59 14.02 10.69 -6.34
C PHE B 59 12.82 11.08 -7.17
N THR B 60 11.63 10.80 -6.63
CA THR B 60 10.41 11.10 -7.36
C THR B 60 10.12 12.60 -7.37
N SER B 61 9.31 13.06 -8.31
CA SER B 61 9.22 14.49 -8.55
C SER B 61 8.42 15.21 -7.46
N PRO B 62 8.64 16.53 -7.35
CA PRO B 62 7.72 17.35 -6.53
C PRO B 62 6.25 17.11 -6.90
N ALA B 63 5.91 17.03 -8.20
CA ALA B 63 4.52 16.84 -8.58
C ALA B 63 3.98 15.52 -8.06
N VAL B 64 4.76 14.43 -8.11
CA VAL B 64 4.31 13.16 -7.54
C VAL B 64 4.10 13.29 -6.04
N MET B 65 5.04 13.94 -5.33
CA MET B 65 4.88 14.09 -3.89
C MET B 65 3.62 14.89 -3.56
N ALA B 66 3.31 15.92 -4.36
CA ALA B 66 2.10 16.70 -4.12
C ALA B 66 0.86 15.83 -4.16
N THR B 67 0.78 14.90 -5.12
CA THR B 67 -0.40 14.03 -5.16
C THR B 67 -0.47 13.16 -3.91
N GLN B 68 0.69 12.66 -3.44
CA GLN B 68 0.68 11.78 -2.29
C GLN B 68 0.32 12.52 -1.01
N GLY B 69 0.56 13.83 -0.95
CA GLY B 69 0.20 14.65 0.19
C GLY B 69 -1.18 15.29 0.10
N SER B 70 -2.02 14.81 -0.81
CA SER B 70 -3.31 15.45 -1.08
C SER B 70 -4.46 14.82 -0.30
N VAL B 71 -5.62 15.47 -0.45
CA VAL B 71 -6.84 14.98 0.18
C VAL B 71 -7.38 13.71 -0.49
N LEU B 72 -6.76 13.26 -1.60
N LEU B 72 -6.74 13.24 -1.57
CA LEU B 72 -7.19 12.00 -2.21
CA LEU B 72 -7.22 12.00 -2.18
C LEU B 72 -7.09 10.82 -1.25
C LEU B 72 -7.08 10.81 -1.25
N THR B 73 -6.23 10.93 -0.22
CA THR B 73 -6.14 9.88 0.78
C THR B 73 -7.49 9.64 1.46
N ASN B 74 -8.38 10.65 1.51
CA ASN B 74 -9.61 10.46 2.26
C ASN B 74 -10.67 9.64 1.52
N LYS B 75 -10.46 9.28 0.24
CA LYS B 75 -11.55 8.68 -0.53
C LYS B 75 -11.47 7.15 -0.53
N TYR B 76 -12.58 6.51 -0.14
CA TYR B 76 -12.76 5.08 -0.39
C TYR B 76 -13.29 4.88 -1.82
N ALA B 77 -12.62 4.01 -2.57
CA ALA B 77 -12.94 3.85 -3.98
C ALA B 77 -12.83 2.40 -4.41
N GLU B 78 -13.29 1.47 -3.58
CA GLU B 78 -13.33 0.07 -4.00
C GLU B 78 -14.11 -0.11 -5.30
N GLY B 79 -13.53 -0.93 -6.18
CA GLY B 79 -14.10 -1.21 -7.48
C GLY B 79 -13.18 -0.67 -8.58
N LEU B 80 -13.78 -0.21 -9.66
CA LEU B 80 -13.07 0.35 -10.80
C LEU B 80 -13.77 1.64 -11.21
N PRO B 81 -13.12 2.51 -11.99
CA PRO B 81 -13.82 3.71 -12.48
C PRO B 81 -15.19 3.37 -13.04
N LYS B 82 -16.19 4.14 -12.63
CA LYS B 82 -17.59 4.04 -13.06
C LYS B 82 -18.25 2.77 -12.54
N LYS B 83 -17.55 1.95 -11.75
CA LYS B 83 -18.05 0.69 -11.25
C LYS B 83 -17.55 0.52 -9.82
N ARG B 84 -17.93 1.47 -8.98
CA ARG B 84 -17.44 1.55 -7.61
C ARG B 84 -18.49 1.08 -6.62
N TYR B 85 -18.02 0.64 -5.45
CA TYR B 85 -18.89 0.23 -4.36
C TYR B 85 -19.19 1.34 -3.39
N TYR B 86 -18.69 2.55 -3.67
CA TYR B 86 -18.83 3.72 -2.83
C TYR B 86 -19.32 4.87 -3.69
N GLY B 87 -20.14 5.75 -3.10
CA GLY B 87 -20.51 7.00 -3.72
C GLY B 87 -19.33 7.97 -3.76
N GLY B 88 -19.50 9.05 -4.50
CA GLY B 88 -18.60 10.19 -4.46
C GLY B 88 -17.34 10.09 -5.28
N CYS B 89 -17.20 9.09 -6.16
CA CYS B 89 -15.93 8.84 -6.83
C CYS B 89 -15.79 9.53 -8.17
N GLU B 90 -16.60 10.55 -8.50
CA GLU B 90 -16.54 11.16 -9.83
C GLU B 90 -15.12 11.63 -10.21
N PHE B 91 -14.40 12.29 -9.30
CA PHE B 91 -13.08 12.81 -9.67
C PHE B 91 -11.98 11.78 -9.47
N ILE B 92 -12.09 10.92 -8.46
CA ILE B 92 -11.20 9.77 -8.37
C ILE B 92 -11.27 8.94 -9.65
N ASP B 93 -12.49 8.78 -10.22
CA ASP B 93 -12.61 7.98 -11.43
C ASP B 93 -11.86 8.63 -12.60
N GLU B 94 -11.99 9.95 -12.73
CA GLU B 94 -11.26 10.63 -13.79
C GLU B 94 -9.74 10.41 -13.63
N ILE B 95 -9.24 10.52 -12.40
CA ILE B 95 -7.80 10.39 -12.15
C ILE B 95 -7.33 8.97 -12.39
N GLU B 96 -8.06 7.99 -11.87
CA GLU B 96 -7.62 6.61 -12.06
C GLU B 96 -7.69 6.21 -13.52
N GLN B 97 -8.70 6.70 -14.27
CA GLN B 97 -8.73 6.37 -15.69
C GLN B 97 -7.57 7.03 -16.46
N VAL B 98 -7.15 8.24 -16.06
CA VAL B 98 -5.95 8.82 -16.67
C VAL B 98 -4.74 7.95 -16.38
N ALA B 99 -4.60 7.49 -15.12
CA ALA B 99 -3.48 6.60 -14.79
C ALA B 99 -3.49 5.36 -15.65
N ILE B 100 -4.67 4.70 -15.78
CA ILE B 100 -4.78 3.50 -16.62
C ILE B 100 -4.39 3.81 -18.07
N ASP B 101 -4.95 4.89 -18.61
CA ASP B 101 -4.74 5.19 -20.03
C ASP B 101 -3.29 5.57 -20.29
N ARG B 102 -2.66 6.33 -19.38
CA ARG B 102 -1.24 6.66 -19.56
C ARG B 102 -0.38 5.42 -19.40
N ALA B 103 -0.74 4.49 -18.51
CA ALA B 103 0.03 3.25 -18.39
C ALA B 103 -0.04 2.44 -19.70
N LYS B 104 -1.25 2.34 -20.27
CA LYS B 104 -1.42 1.58 -21.50
C LYS B 104 -0.62 2.23 -22.60
N GLU B 105 -0.61 3.56 -22.66
CA GLU B 105 0.19 4.27 -23.67
C GLU B 105 1.67 4.04 -23.45
N LEU B 106 2.15 4.25 -22.23
CA LEU B 106 3.57 4.21 -21.94
C LEU B 106 4.16 2.82 -22.17
N PHE B 107 3.39 1.75 -21.92
CA PHE B 107 3.86 0.40 -22.06
C PHE B 107 3.31 -0.32 -23.29
N GLY B 108 2.49 0.34 -24.11
CA GLY B 108 1.92 -0.34 -25.28
C GLY B 108 1.12 -1.56 -24.87
N ALA B 109 0.28 -1.40 -23.85
CA ALA B 109 -0.44 -2.52 -23.24
C ALA B 109 -1.94 -2.40 -23.47
N ALA B 110 -2.58 -3.54 -23.76
CA ALA B 110 -4.04 -3.53 -23.92
C ALA B 110 -4.78 -3.39 -22.63
N SER B 111 -4.12 -3.66 -21.50
CA SER B 111 -4.80 -3.63 -20.21
C SER B 111 -3.79 -3.21 -19.15
N ALA B 112 -4.29 -2.48 -18.14
CA ALA B 112 -3.47 -2.05 -17.00
C ALA B 112 -4.36 -1.91 -15.77
N ASN B 113 -3.87 -2.40 -14.66
CA ASN B 113 -4.49 -2.17 -13.35
C ASN B 113 -3.49 -1.39 -12.50
N VAL B 114 -3.90 -0.19 -12.09
CA VAL B 114 -3.03 0.73 -11.37
C VAL B 114 -3.26 0.69 -9.86
N GLN B 115 -4.10 -0.22 -9.38
CA GLN B 115 -4.38 -0.32 -7.95
C GLN B 115 -3.40 -1.13 -7.11
N PRO B 116 -2.50 -1.99 -7.60
CA PRO B 116 -1.70 -2.75 -6.63
C PRO B 116 -0.90 -1.84 -5.70
N HIS B 117 -0.92 -2.21 -4.41
CA HIS B 117 -0.23 -1.39 -3.41
C HIS B 117 1.29 -1.44 -3.54
N SER B 118 1.82 -2.43 -4.25
CA SER B 118 3.26 -2.67 -4.25
C SER B 118 3.56 -3.67 -5.36
N GLY B 119 4.85 -3.84 -5.68
CA GLY B 119 5.24 -4.91 -6.58
C GLY B 119 4.87 -6.26 -6.03
N ALA B 120 5.06 -6.47 -4.73
CA ALA B 120 4.71 -7.76 -4.12
C ALA B 120 3.20 -8.04 -4.28
N GLN B 121 2.35 -7.02 -4.07
CA GLN B 121 0.92 -7.25 -4.17
C GLN B 121 0.48 -7.41 -5.64
N ALA B 122 1.15 -6.75 -6.58
CA ALA B 122 0.90 -7.00 -8.00
C ALA B 122 1.17 -8.45 -8.32
N ASN B 123 2.32 -8.97 -7.87
CA ASN B 123 2.66 -10.36 -8.16
C ASN B 123 1.65 -11.31 -7.54
N PHE B 124 1.22 -11.02 -6.30
CA PHE B 124 0.30 -11.94 -5.67
C PHE B 124 -1.03 -12.01 -6.41
N ALA B 125 -1.53 -10.86 -6.88
CA ALA B 125 -2.78 -10.88 -7.63
C ALA B 125 -2.64 -11.73 -8.89
N VAL B 126 -1.46 -11.69 -9.53
CA VAL B 126 -1.22 -12.54 -10.69
C VAL B 126 -1.26 -13.99 -10.28
N PHE B 127 -0.62 -14.34 -9.15
CA PHE B 127 -0.66 -15.73 -8.69
C PHE B 127 -2.09 -16.17 -8.43
N LEU B 128 -2.90 -15.31 -7.82
CA LEU B 128 -4.28 -15.69 -7.50
C LEU B 128 -5.08 -15.99 -8.78
N THR B 129 -4.75 -15.31 -9.86
CA THR B 129 -5.45 -15.49 -11.13
C THR B 129 -5.05 -16.79 -11.82
N LEU B 130 -3.73 -17.08 -11.84
CA LEU B 130 -3.20 -18.12 -12.70
C LEU B 130 -3.00 -19.46 -12.00
N LEU B 131 -2.90 -19.47 -10.67
CA LEU B 131 -2.45 -20.64 -9.94
C LEU B 131 -3.45 -21.01 -8.85
N LYS B 132 -3.26 -22.20 -8.31
CA LYS B 132 -3.85 -22.61 -7.05
C LYS B 132 -2.73 -23.12 -6.15
N PRO B 133 -2.96 -23.13 -4.82
CA PRO B 133 -1.94 -23.63 -3.89
C PRO B 133 -1.42 -24.99 -4.31
N GLY B 134 -0.11 -25.13 -4.23
CA GLY B 134 0.57 -26.35 -4.61
C GLY B 134 1.07 -26.39 -6.04
N ASP B 135 0.65 -25.49 -6.90
CA ASP B 135 1.17 -25.47 -8.26
C ASP B 135 2.65 -25.12 -8.27
N LYS B 136 3.32 -25.49 -9.37
CA LYS B 136 4.77 -25.30 -9.51
C LYS B 136 5.10 -23.99 -10.21
N ILE B 137 5.99 -23.21 -9.58
CA ILE B 137 6.46 -21.95 -10.16
C ILE B 137 7.96 -22.08 -10.36
N MET B 138 8.47 -21.47 -11.42
CA MET B 138 9.90 -21.50 -11.72
C MET B 138 10.40 -20.06 -11.82
N GLY B 139 11.39 -19.70 -10.99
CA GLY B 139 11.93 -18.36 -11.00
C GLY B 139 13.43 -18.42 -10.81
N MET B 140 14.07 -17.25 -10.89
N MET B 140 14.07 -17.25 -10.89
CA MET B 140 15.51 -17.23 -10.67
CA MET B 140 15.50 -17.20 -10.66
C MET B 140 15.80 -17.40 -9.19
C MET B 140 15.80 -17.38 -9.18
N ASP B 141 16.81 -18.20 -8.90
CA ASP B 141 17.34 -18.38 -7.56
C ASP B 141 17.53 -17.04 -6.84
N LEU B 142 17.09 -16.98 -5.59
CA LEU B 142 17.21 -15.74 -4.83
C LEU B 142 18.65 -15.28 -4.75
N SER B 143 19.58 -16.21 -4.58
CA SER B 143 20.98 -15.83 -4.47
C SER B 143 21.61 -15.46 -5.80
N HIS B 144 20.95 -15.73 -6.92
CA HIS B 144 21.44 -15.27 -8.21
C HIS B 144 20.75 -14.04 -8.69
N GLY B 145 19.93 -13.42 -7.86
CA GLY B 145 19.29 -12.19 -8.28
C GLY B 145 17.81 -12.25 -8.45
N GLY B 146 17.14 -13.38 -8.19
CA GLY B 146 15.69 -13.44 -8.24
C GLY B 146 15.08 -12.73 -7.05
N HIS B 147 13.78 -12.55 -7.11
CA HIS B 147 13.10 -11.82 -6.05
C HIS B 147 12.44 -12.78 -5.05
N LEU B 148 12.29 -12.30 -3.81
CA LEU B 148 11.64 -13.13 -2.78
C LEU B 148 10.23 -13.57 -3.18
N THR B 149 9.53 -12.78 -3.99
CA THR B 149 8.15 -13.13 -4.36
C THR B 149 8.11 -14.10 -5.52
N HIS B 150 9.27 -14.59 -6.00
CA HIS B 150 9.34 -15.51 -7.12
C HIS B 150 9.58 -16.94 -6.65
N GLY B 151 9.31 -17.24 -5.39
CA GLY B 151 9.42 -18.59 -4.86
C GLY B 151 10.26 -18.81 -3.60
N SER B 152 10.60 -17.75 -2.86
N SER B 152 10.61 -17.80 -2.89
CA SER B 152 11.41 -17.89 -1.64
CA SER B 152 11.49 -18.11 -1.78
C SER B 152 10.66 -18.68 -0.55
C SER B 152 10.71 -18.68 -0.59
N PRO B 153 11.37 -19.53 0.20
CA PRO B 153 10.69 -20.28 1.27
C PRO B 153 10.08 -19.40 2.34
N ALA B 154 10.59 -18.18 2.53
CA ALA B 154 10.08 -17.29 3.59
C ALA B 154 8.94 -16.43 3.08
N ASN B 155 8.62 -16.52 1.80
CA ASN B 155 7.52 -15.75 1.22
C ASN B 155 6.36 -16.67 0.89
N VAL B 156 5.15 -16.10 0.77
CA VAL B 156 3.99 -16.93 0.41
C VAL B 156 4.23 -17.71 -0.88
N SER B 157 5.03 -17.16 -1.80
CA SER B 157 5.29 -17.82 -3.08
C SER B 157 5.99 -19.16 -2.91
N GLY B 158 6.87 -19.31 -1.91
CA GLY B 158 7.48 -20.60 -1.66
C GLY B 158 6.78 -21.41 -0.59
N LYS B 159 5.97 -20.74 0.22
CA LYS B 159 5.27 -21.46 1.28
C LYS B 159 4.06 -22.20 0.74
N TRP B 160 3.32 -21.60 -0.18
CA TRP B 160 2.05 -22.17 -0.64
C TRP B 160 2.13 -22.74 -2.04
N PHE B 161 3.28 -22.66 -2.70
CA PHE B 161 3.51 -23.16 -4.06
C PHE B 161 4.78 -23.97 -4.04
N GLU B 162 4.92 -24.84 -5.05
CA GLU B 162 6.16 -25.60 -5.20
C GLU B 162 7.11 -24.78 -6.06
N ALA B 163 8.13 -24.19 -5.43
CA ALA B 163 9.02 -23.30 -6.13
C ALA B 163 10.26 -24.05 -6.59
N VAL B 164 10.57 -23.96 -7.87
CA VAL B 164 11.83 -24.45 -8.40
C VAL B 164 12.55 -23.29 -9.04
N HIS B 165 13.85 -23.47 -9.26
CA HIS B 165 14.69 -22.34 -9.60
C HIS B 165 15.60 -22.61 -10.78
N TYR B 166 15.93 -21.53 -11.49
CA TYR B 166 17.07 -21.51 -12.38
C TYR B 166 18.02 -20.42 -11.92
N GLY B 167 19.27 -20.52 -12.35
CA GLY B 167 20.21 -19.48 -11.98
C GLY B 167 20.98 -19.04 -13.21
N VAL B 168 22.02 -18.24 -13.00
CA VAL B 168 22.90 -17.85 -14.09
C VAL B 168 24.02 -18.88 -14.23
N SER B 169 24.70 -18.83 -15.38
CA SER B 169 25.81 -19.72 -15.65
C SER B 169 27.03 -19.35 -14.82
N GLN B 170 27.73 -20.35 -14.27
CA GLN B 170 28.95 -20.03 -13.54
C GLN B 170 30.01 -19.42 -14.44
N GLU B 171 30.02 -19.78 -15.73
CA GLU B 171 31.06 -19.30 -16.65
C GLU B 171 30.80 -17.89 -17.15
N THR B 172 29.55 -17.43 -17.18
CA THR B 172 29.29 -16.09 -17.69
C THR B 172 28.67 -15.18 -16.66
N GLU B 173 28.10 -15.73 -15.60
CA GLU B 173 27.35 -14.98 -14.60
C GLU B 173 26.15 -14.26 -15.23
N GLN B 174 25.65 -14.79 -16.35
CA GLN B 174 24.39 -14.34 -16.92
C GLN B 174 23.61 -15.55 -17.41
N LEU B 175 22.37 -15.30 -17.85
CA LEU B 175 21.48 -16.41 -18.18
C LEU B 175 22.02 -17.20 -19.38
N ASP B 176 21.89 -18.51 -19.30
CA ASP B 176 22.10 -19.40 -20.44
C ASP B 176 20.73 -19.95 -20.80
N TYR B 177 20.17 -19.47 -21.91
CA TYR B 177 18.79 -19.83 -22.23
C TYR B 177 18.61 -21.31 -22.56
N ASP B 178 19.60 -21.97 -23.14
CA ASP B 178 19.44 -23.40 -23.36
C ASP B 178 19.36 -24.13 -22.03
N HIS B 179 20.13 -23.68 -21.04
CA HIS B 179 20.03 -24.31 -19.72
C HIS B 179 18.66 -24.06 -19.10
N ILE B 180 18.13 -22.85 -19.21
CA ILE B 180 16.80 -22.58 -18.67
C ILE B 180 15.78 -23.51 -19.32
N LEU B 181 15.90 -23.73 -20.63
CA LEU B 181 14.96 -24.62 -21.31
C LEU B 181 15.06 -26.02 -20.76
N GLU B 182 16.28 -26.50 -20.49
CA GLU B 182 16.39 -27.83 -19.94
C GLU B 182 15.77 -27.92 -18.55
N VAL B 183 15.96 -26.90 -17.71
CA VAL B 183 15.32 -26.90 -16.40
C VAL B 183 13.82 -26.94 -16.55
N ALA B 184 13.28 -26.09 -17.43
CA ALA B 184 11.83 -26.07 -17.65
C ALA B 184 11.30 -27.42 -18.12
N ARG B 185 12.01 -28.06 -19.04
CA ARG B 185 11.54 -29.36 -19.52
C ARG B 185 11.56 -30.40 -18.40
N GLN B 186 12.58 -30.38 -17.54
CA GLN B 186 12.65 -31.32 -16.44
C GLN B 186 11.57 -31.05 -15.39
N GLU B 187 11.30 -29.78 -15.08
CA GLU B 187 10.45 -29.44 -13.94
C GLU B 187 8.98 -29.28 -14.30
N ARG B 188 8.68 -28.89 -15.54
CA ARG B 188 7.31 -28.69 -16.01
C ARG B 188 6.52 -27.75 -15.09
N PRO B 189 6.99 -26.52 -14.91
CA PRO B 189 6.30 -25.55 -14.06
C PRO B 189 5.01 -25.07 -14.72
N LYS B 190 4.08 -24.62 -13.88
CA LYS B 190 2.87 -24.00 -14.40
C LYS B 190 3.11 -22.54 -14.77
N LEU B 191 4.02 -21.86 -14.08
CA LEU B 191 4.33 -20.45 -14.31
C LEU B 191 5.84 -20.30 -14.30
N ILE B 192 6.39 -19.63 -15.32
CA ILE B 192 7.79 -19.22 -15.34
C ILE B 192 7.80 -17.73 -15.10
N ILE B 193 8.68 -17.30 -14.21
CA ILE B 193 8.86 -15.88 -13.90
C ILE B 193 10.24 -15.44 -14.37
N CYS B 194 10.29 -14.32 -15.09
CA CYS B 194 11.55 -13.67 -15.45
C CYS B 194 11.43 -12.22 -14.98
N GLY B 195 12.55 -11.46 -15.04
CA GLY B 195 12.59 -10.16 -14.38
C GLY B 195 13.10 -10.31 -12.96
N TYR B 196 14.08 -9.50 -12.55
CA TYR B 196 14.94 -9.84 -11.43
C TYR B 196 15.32 -8.61 -10.62
N SER B 197 16.03 -8.84 -9.52
CA SER B 197 16.40 -7.76 -8.61
C SER B 197 17.89 -7.42 -8.65
N ALA B 198 18.74 -8.23 -9.28
CA ALA B 198 20.15 -7.89 -9.36
C ALA B 198 20.78 -8.45 -10.63
N TYR B 199 20.06 -8.33 -11.74
CA TYR B 199 20.53 -8.91 -13.00
C TYR B 199 20.94 -7.79 -13.94
N PRO B 200 22.22 -7.72 -14.33
CA PRO B 200 22.75 -6.54 -15.03
C PRO B 200 22.69 -6.64 -16.54
N ARG B 201 22.13 -7.70 -17.14
CA ARG B 201 22.17 -7.85 -18.58
C ARG B 201 20.75 -7.80 -19.14
N ILE B 202 20.66 -7.60 -20.46
CA ILE B 202 19.36 -7.55 -21.13
C ILE B 202 18.68 -8.90 -21.04
N ILE B 203 17.39 -8.91 -20.73
CA ILE B 203 16.60 -10.14 -20.68
C ILE B 203 15.95 -10.35 -22.04
N ASN B 204 16.04 -11.57 -22.55
CA ASN B 204 15.45 -11.91 -23.85
C ASN B 204 14.06 -12.52 -23.63
N PHE B 205 13.03 -11.67 -23.71
CA PHE B 205 11.67 -12.11 -23.47
C PHE B 205 11.17 -13.04 -24.57
N GLU B 206 11.70 -12.90 -25.79
CA GLU B 206 11.32 -13.80 -26.87
C GLU B 206 11.77 -15.22 -26.57
N LYS B 207 12.97 -15.37 -26.00
CA LYS B 207 13.44 -16.70 -25.63
C LYS B 207 12.63 -17.27 -24.48
N PHE B 208 12.26 -16.43 -23.50
CA PHE B 208 11.37 -16.91 -22.43
C PHE B 208 10.03 -17.38 -22.99
N ARG B 209 9.47 -16.65 -23.97
CA ARG B 209 8.23 -17.10 -24.58
C ARG B 209 8.40 -18.44 -25.29
N ALA B 210 9.51 -18.61 -26.04
CA ALA B 210 9.76 -19.90 -26.68
C ALA B 210 9.86 -21.03 -25.65
N ILE B 211 10.50 -20.76 -24.50
CA ILE B 211 10.61 -21.78 -23.46
C ILE B 211 9.24 -22.08 -22.87
N ALA B 212 8.50 -21.04 -22.50
CA ALA B 212 7.17 -21.24 -21.91
C ALA B 212 6.25 -22.01 -22.85
N ASP B 213 6.30 -21.69 -24.15
CA ASP B 213 5.45 -22.40 -25.10
C ASP B 213 5.84 -23.86 -25.20
N GLU B 214 7.15 -24.15 -25.16
CA GLU B 214 7.57 -25.53 -25.27
C GLU B 214 7.08 -26.39 -24.12
N VAL B 215 6.97 -25.83 -22.92
CA VAL B 215 6.53 -26.62 -21.76
C VAL B 215 5.10 -26.32 -21.35
N GLY B 216 4.40 -25.45 -22.05
CA GLY B 216 3.03 -25.19 -21.68
C GLY B 216 2.87 -24.39 -20.40
N ALA B 217 3.80 -23.49 -20.08
CA ALA B 217 3.73 -22.68 -18.87
C ALA B 217 3.21 -21.29 -19.16
N TYR B 218 2.58 -20.67 -18.16
CA TYR B 218 2.36 -19.24 -18.22
C TYR B 218 3.69 -18.52 -18.04
N LEU B 219 3.75 -17.28 -18.50
CA LEU B 219 4.97 -16.48 -18.46
C LEU B 219 4.68 -15.07 -17.90
N LEU B 220 5.32 -14.76 -16.76
CA LEU B 220 5.25 -13.44 -16.11
C LEU B 220 6.61 -12.78 -16.19
N ALA B 221 6.64 -11.51 -16.57
CA ALA B 221 7.85 -10.68 -16.44
C ALA B 221 7.60 -9.68 -15.33
N ASP B 222 8.43 -9.75 -14.28
CA ASP B 222 8.40 -8.77 -13.18
C ASP B 222 9.52 -7.78 -13.47
N ILE B 223 9.15 -6.66 -14.09
CA ILE B 223 10.15 -5.71 -14.59
C ILE B 223 10.40 -4.56 -13.61
N ALA B 224 10.06 -4.75 -12.33
CA ALA B 224 10.26 -3.72 -11.30
C ALA B 224 11.51 -2.89 -11.51
N HIS B 225 12.70 -3.53 -11.56
CA HIS B 225 13.94 -2.76 -11.64
C HIS B 225 14.05 -1.96 -12.91
N ILE B 226 13.64 -2.55 -14.04
CA ILE B 226 13.97 -2.05 -15.37
C ILE B 226 12.80 -1.32 -16.03
N ALA B 227 11.69 -1.09 -15.29
CA ALA B 227 10.48 -0.58 -15.93
C ALA B 227 10.68 0.77 -16.64
N GLY B 228 11.50 1.68 -16.09
CA GLY B 228 11.75 2.93 -16.77
C GLY B 228 12.54 2.75 -18.06
N LEU B 229 13.46 1.78 -18.06
CA LEU B 229 14.24 1.48 -19.27
C LEU B 229 13.35 0.84 -20.33
N VAL B 230 12.45 -0.04 -19.91
CA VAL B 230 11.48 -0.60 -20.84
C VAL B 230 10.62 0.51 -21.42
N ALA B 231 10.08 1.37 -20.56
CA ALA B 231 9.15 2.39 -21.00
C ALA B 231 9.78 3.30 -22.03
N SER B 232 11.09 3.53 -21.92
CA SER B 232 11.76 4.48 -22.80
C SER B 232 12.42 3.84 -24.01
N GLY B 233 12.33 2.51 -24.16
CA GLY B 233 12.93 1.85 -25.30
C GLY B 233 14.38 1.46 -25.11
N HIS B 234 14.93 1.60 -23.91
CA HIS B 234 16.32 1.28 -23.60
C HIS B 234 16.48 -0.15 -23.11
N HIS B 235 15.41 -0.93 -23.10
CA HIS B 235 15.48 -2.35 -22.79
C HIS B 235 14.36 -2.98 -23.59
N PRO B 236 14.53 -4.21 -24.07
CA PRO B 236 13.45 -4.88 -24.77
C PRO B 236 12.17 -4.90 -23.97
N ASN B 237 11.08 -4.90 -24.68
CA ASN B 237 9.78 -4.76 -24.10
C ASN B 237 9.11 -6.13 -23.88
N PRO B 238 8.76 -6.53 -22.66
CA PRO B 238 8.12 -7.84 -22.46
C PRO B 238 6.65 -7.88 -22.82
N VAL B 239 5.96 -6.75 -22.91
CA VAL B 239 4.50 -6.75 -23.05
C VAL B 239 3.98 -7.61 -24.21
N PRO B 240 4.50 -7.50 -25.44
CA PRO B 240 3.90 -8.31 -26.53
C PRO B 240 4.19 -9.77 -26.39
N HIS B 241 5.17 -10.18 -25.57
CA HIS B 241 5.62 -11.56 -25.50
C HIS B 241 5.09 -12.33 -24.30
N CYS B 242 4.91 -11.67 -23.16
CA CYS B 242 4.60 -12.38 -21.93
C CYS B 242 3.10 -12.41 -21.71
N ASP B 243 2.63 -13.36 -20.89
CA ASP B 243 1.20 -13.34 -20.59
C ASP B 243 0.83 -12.15 -19.73
N VAL B 244 1.75 -11.66 -18.91
CA VAL B 244 1.47 -10.61 -17.94
C VAL B 244 2.80 -10.02 -17.55
N VAL B 245 2.79 -8.73 -17.26
CA VAL B 245 3.96 -7.98 -16.83
C VAL B 245 3.58 -7.24 -15.54
N THR B 246 4.35 -7.43 -14.49
CA THR B 246 4.15 -6.69 -13.26
C THR B 246 5.32 -5.75 -13.06
N THR B 247 5.10 -4.71 -12.26
CA THR B 247 6.20 -3.81 -11.92
C THR B 247 5.85 -2.96 -10.71
N THR B 248 6.89 -2.50 -10.04
CA THR B 248 6.82 -1.38 -9.14
C THR B 248 6.77 -0.10 -9.96
N THR B 249 6.22 0.96 -9.35
CA THR B 249 6.22 2.25 -10.01
C THR B 249 7.39 3.12 -9.60
N HIS B 250 8.22 2.68 -8.63
CA HIS B 250 9.16 3.57 -7.94
C HIS B 250 10.67 3.35 -8.16
N LYS B 251 11.09 2.38 -8.98
CA LYS B 251 12.53 2.15 -9.19
C LYS B 251 12.96 3.00 -10.38
N THR B 252 13.38 2.39 -11.50
CA THR B 252 13.77 3.22 -12.64
C THR B 252 12.61 4.02 -13.20
N LEU B 253 11.34 3.60 -12.95
CA LEU B 253 10.22 4.38 -13.44
C LEU B 253 10.01 5.68 -12.67
N ARG B 254 10.63 5.84 -11.49
CA ARG B 254 10.75 7.16 -10.84
C ARG B 254 9.41 7.68 -10.33
N GLY B 255 8.45 6.80 -10.08
CA GLY B 255 7.16 7.22 -9.60
C GLY B 255 6.99 7.07 -8.11
N PRO B 256 5.73 7.20 -7.66
CA PRO B 256 5.42 6.92 -6.25
C PRO B 256 5.59 5.44 -5.96
N ARG B 257 5.60 5.08 -4.67
CA ARG B 257 5.83 3.70 -4.25
C ARG B 257 4.53 2.92 -4.42
N GLY B 258 4.55 1.91 -5.29
CA GLY B 258 3.35 1.11 -5.52
C GLY B 258 3.59 0.14 -6.67
N GLY B 259 2.51 -0.54 -7.07
CA GLY B 259 2.59 -1.55 -8.09
C GLY B 259 1.68 -1.30 -9.29
N LEU B 260 1.82 -2.19 -10.28
CA LEU B 260 1.13 -2.05 -11.57
C LEU B 260 1.09 -3.44 -12.20
N ILE B 261 -0.05 -3.80 -12.82
CA ILE B 261 -0.18 -5.01 -13.63
C ILE B 261 -0.55 -4.61 -15.05
N LEU B 262 0.20 -5.12 -16.03
CA LEU B 262 -0.03 -4.89 -17.45
C LEU B 262 -0.23 -6.23 -18.13
N THR B 263 -1.07 -6.23 -19.18
CA THR B 263 -1.13 -7.44 -20.03
C THR B 263 -1.56 -7.10 -21.43
N ARG B 264 -0.97 -7.85 -22.37
CA ARG B 264 -1.36 -7.82 -23.78
C ARG B 264 -2.75 -8.41 -24.00
N ASP B 265 -3.29 -9.18 -23.07
CA ASP B 265 -4.57 -9.86 -23.30
C ASP B 265 -5.66 -9.16 -22.50
N PRO B 266 -6.56 -8.40 -23.13
CA PRO B 266 -7.49 -7.58 -22.33
C PRO B 266 -8.51 -8.40 -21.58
N GLU B 267 -8.91 -9.57 -22.08
CA GLU B 267 -9.79 -10.45 -21.31
C GLU B 267 -9.07 -10.95 -20.04
N LEU B 268 -7.83 -11.39 -20.17
CA LEU B 268 -7.04 -11.77 -19.00
C LEU B 268 -6.89 -10.60 -18.04
N GLY B 269 -6.75 -9.39 -18.57
CA GLY B 269 -6.65 -8.20 -17.74
C GLY B 269 -7.88 -8.01 -16.86
N LYS B 270 -9.06 -8.35 -17.35
CA LYS B 270 -10.26 -8.28 -16.50
C LYS B 270 -10.20 -9.26 -15.35
N LYS B 271 -9.64 -10.45 -15.58
CA LYS B 271 -9.43 -11.39 -14.50
C LYS B 271 -8.41 -10.85 -13.50
N PHE B 272 -7.33 -10.21 -13.98
CA PHE B 272 -6.39 -9.58 -13.04
C PHE B 272 -7.08 -8.48 -12.24
N ASN B 273 -7.96 -7.69 -12.86
CA ASN B 273 -8.69 -6.71 -12.06
C ASN B 273 -9.39 -7.36 -10.89
N LYS B 274 -10.11 -8.46 -11.17
CA LYS B 274 -10.86 -9.13 -10.10
C LYS B 274 -9.93 -9.70 -9.04
N SER B 275 -8.71 -10.10 -9.42
CA SER B 275 -7.76 -10.60 -8.42
C SER B 275 -7.14 -9.48 -7.60
N VAL B 276 -7.04 -8.26 -8.13
CA VAL B 276 -6.64 -7.14 -7.29
C VAL B 276 -7.75 -6.81 -6.31
N PHE B 277 -8.96 -6.57 -6.83
CA PHE B 277 -10.09 -6.29 -5.95
C PHE B 277 -11.30 -6.99 -6.54
N PRO B 278 -12.02 -7.82 -5.77
CA PRO B 278 -11.86 -8.07 -4.34
C PRO B 278 -10.91 -9.23 -4.01
N GLY B 279 -10.11 -9.69 -4.99
CA GLY B 279 -9.33 -10.88 -4.75
C GLY B 279 -8.28 -10.75 -3.66
N THR B 280 -7.59 -9.60 -3.61
CA THR B 280 -6.47 -9.53 -2.67
C THR B 280 -6.42 -8.23 -1.88
N GLN B 281 -6.93 -7.12 -2.38
CA GLN B 281 -6.92 -5.82 -1.71
C GLN B 281 -8.34 -5.38 -1.41
N GLY B 282 -8.43 -4.36 -0.56
CA GLY B 282 -9.65 -3.60 -0.33
C GLY B 282 -9.58 -2.28 -1.09
N GLY B 283 -9.57 -1.16 -0.38
CA GLY B 283 -9.57 0.11 -1.07
C GLY B 283 -8.21 0.40 -1.68
N PRO B 284 -8.21 1.04 -2.85
CA PRO B 284 -6.94 1.46 -3.48
C PRO B 284 -6.48 2.78 -2.87
N LEU B 285 -5.18 3.04 -3.01
CA LEU B 285 -4.60 4.30 -2.51
C LEU B 285 -4.70 5.36 -3.59
N GLU B 286 -5.80 6.12 -3.62
CA GLU B 286 -6.05 6.98 -4.77
C GLU B 286 -5.09 8.17 -4.84
N HIS B 287 -4.57 8.63 -3.70
CA HIS B 287 -3.51 9.65 -3.75
C HIS B 287 -2.25 9.11 -4.44
N VAL B 288 -1.91 7.86 -4.16
CA VAL B 288 -0.77 7.23 -4.82
C VAL B 288 -1.07 7.02 -6.30
N ILE B 289 -2.31 6.65 -6.63
CA ILE B 289 -2.69 6.45 -8.04
C ILE B 289 -2.61 7.77 -8.83
N ALA B 290 -2.98 8.90 -8.21
CA ALA B 290 -2.74 10.18 -8.88
C ALA B 290 -1.25 10.37 -9.12
N GLY B 291 -0.40 9.97 -8.17
CA GLY B 291 1.04 10.03 -8.40
C GLY B 291 1.48 9.11 -9.52
N LYS B 292 0.86 7.93 -9.64
CA LYS B 292 1.19 7.08 -10.77
C LYS B 292 0.85 7.76 -12.09
N ALA B 293 -0.33 8.37 -12.20
CA ALA B 293 -0.68 9.11 -13.41
C ALA B 293 0.38 10.16 -13.71
N VAL B 294 0.80 10.90 -12.70
CA VAL B 294 1.81 11.96 -12.92
C VAL B 294 3.13 11.35 -13.39
N ALA B 295 3.57 10.27 -12.74
CA ALA B 295 4.82 9.63 -13.13
C ALA B 295 4.75 9.07 -14.56
N PHE B 296 3.61 8.46 -14.94
CA PHE B 296 3.51 7.95 -16.31
C PHE B 296 3.54 9.11 -17.29
N GLY B 297 2.88 10.24 -16.98
CA GLY B 297 2.94 11.42 -17.84
C GLY B 297 4.37 11.93 -18.00
N GLU B 298 5.16 11.91 -16.91
CA GLU B 298 6.54 12.34 -17.02
C GLU B 298 7.32 11.38 -17.90
N ALA B 299 7.06 10.08 -17.78
CA ALA B 299 7.80 9.08 -18.54
C ALA B 299 7.46 9.11 -20.01
N LEU B 300 6.33 9.70 -20.39
CA LEU B 300 5.97 9.83 -21.79
C LEU B 300 6.70 10.99 -22.47
N LYS B 301 7.38 11.85 -21.74
CA LYS B 301 8.08 12.99 -22.33
C LYS B 301 9.46 12.60 -22.87
N PRO B 302 9.93 13.26 -23.93
CA PRO B 302 11.28 12.97 -24.46
C PRO B 302 12.37 13.06 -23.44
N GLU B 303 12.24 13.96 -22.45
CA GLU B 303 13.28 14.10 -21.45
C GLU B 303 13.48 12.80 -20.69
N PHE B 304 12.41 12.02 -20.51
CA PHE B 304 12.58 10.78 -19.77
C PHE B 304 13.36 9.76 -20.57
N LYS B 305 13.21 9.74 -21.89
CA LYS B 305 14.06 8.87 -22.69
C LYS B 305 15.53 9.26 -22.58
N ALA B 306 15.82 10.58 -22.58
CA ALA B 306 17.21 11.01 -22.39
C ALA B 306 17.72 10.63 -21.01
N TYR B 307 16.88 10.82 -19.98
CA TYR B 307 17.24 10.43 -18.63
C TYR B 307 17.57 8.95 -18.57
N SER B 308 16.73 8.10 -19.18
CA SER B 308 16.98 6.68 -19.10
C SER B 308 18.28 6.29 -19.82
N GLY B 309 18.57 6.90 -20.97
CA GLY B 309 19.85 6.66 -21.61
C GLY B 309 21.01 7.05 -20.71
N GLN B 310 20.89 8.20 -20.03
CA GLN B 310 21.94 8.65 -19.11
C GLN B 310 22.10 7.69 -17.95
N VAL B 311 20.97 7.14 -17.44
CA VAL B 311 21.05 6.18 -16.36
C VAL B 311 21.96 5.01 -16.74
N ILE B 312 21.77 4.48 -17.97
CA ILE B 312 22.60 3.35 -18.39
C ILE B 312 24.06 3.79 -18.60
N ALA B 313 24.26 4.93 -19.28
CA ALA B 313 25.63 5.41 -19.50
C ALA B 313 26.35 5.62 -18.16
N ASN B 314 25.66 6.17 -17.16
CA ASN B 314 26.26 6.43 -15.86
C ASN B 314 26.59 5.13 -15.13
N ALA B 315 25.67 4.15 -15.17
CA ALA B 315 26.00 2.88 -14.54
C ALA B 315 27.22 2.25 -15.20
N GLN B 316 27.27 2.29 -16.52
CA GLN B 316 28.41 1.71 -17.22
C GLN B 316 29.70 2.45 -16.88
N ALA B 317 29.66 3.78 -16.78
CA ALA B 317 30.86 4.53 -16.40
C ALA B 317 31.35 4.14 -15.00
N MET B 318 30.43 3.97 -14.06
CA MET B 318 30.83 3.55 -12.72
C MET B 318 31.39 2.12 -12.71
N ALA B 319 30.74 1.20 -13.43
CA ALA B 319 31.24 -0.17 -13.49
C ALA B 319 32.63 -0.21 -14.13
N GLN B 320 32.81 0.52 -15.23
CA GLN B 320 34.10 0.50 -15.91
C GLN B 320 35.21 1.07 -15.03
N GLN B 321 34.94 2.16 -14.29
CA GLN B 321 36.00 2.72 -13.48
C GLN B 321 36.29 1.83 -12.28
N LEU B 322 35.26 1.18 -11.71
CA LEU B 322 35.53 0.18 -10.68
C LEU B 322 36.42 -0.93 -11.22
N GLN B 323 36.17 -1.38 -12.46
CA GLN B 323 37.04 -2.39 -13.06
C GLN B 323 38.45 -1.87 -13.24
N ASN B 324 38.60 -0.61 -13.71
CA ASN B 324 39.93 -0.01 -13.83
C ASN B 324 40.66 0.00 -12.49
N ARG B 325 39.92 0.10 -11.39
CA ARG B 325 40.51 0.10 -10.06
C ARG B 325 40.67 -1.29 -9.47
N GLY B 326 40.42 -2.32 -10.26
CA GLY B 326 40.73 -3.67 -9.86
C GLY B 326 39.57 -4.47 -9.33
N PHE B 327 38.36 -3.94 -9.37
CA PHE B 327 37.18 -4.61 -8.81
C PHE B 327 36.51 -5.45 -9.89
N LYS B 328 35.98 -6.57 -9.45
CA LYS B 328 35.23 -7.47 -10.32
C LYS B 328 33.77 -7.06 -10.31
N ILE B 329 33.20 -6.92 -11.50
CA ILE B 329 31.76 -6.68 -11.69
C ILE B 329 31.15 -7.99 -12.14
N VAL B 330 30.09 -8.44 -11.44
CA VAL B 330 29.47 -9.70 -11.82
C VAL B 330 28.99 -9.61 -13.26
N SER B 331 29.32 -10.65 -14.04
CA SER B 331 29.08 -10.75 -15.49
C SER B 331 30.02 -9.87 -16.31
N GLY B 332 30.90 -9.10 -15.70
CA GLY B 332 31.87 -8.35 -16.46
C GLY B 332 31.42 -6.98 -16.89
N GLY B 333 30.26 -6.51 -16.43
CA GLY B 333 29.77 -5.21 -16.86
C GLY B 333 28.26 -5.18 -16.67
N THR B 334 27.65 -4.14 -17.23
CA THR B 334 26.21 -3.98 -17.17
C THR B 334 25.65 -3.40 -18.45
N ASP B 335 24.42 -3.79 -18.76
CA ASP B 335 23.65 -3.20 -19.82
C ASP B 335 22.45 -2.44 -19.32
N ASN B 336 22.38 -2.21 -17.99
CA ASN B 336 21.22 -1.51 -17.46
C ASN B 336 21.72 -0.52 -16.42
N HIS B 337 20.91 -0.26 -15.40
CA HIS B 337 21.18 0.77 -14.39
C HIS B 337 21.93 0.24 -13.17
N LEU B 338 22.18 -1.08 -13.09
CA LEU B 338 22.72 -1.64 -11.85
C LEU B 338 23.94 -2.52 -12.09
N MET B 339 24.61 -2.86 -10.99
CA MET B 339 25.74 -3.78 -11.06
C MET B 339 25.90 -4.39 -9.68
N LEU B 340 26.55 -5.55 -9.64
CA LEU B 340 27.04 -6.14 -8.39
C LEU B 340 28.55 -6.13 -8.40
N VAL B 341 29.14 -5.56 -7.36
CA VAL B 341 30.59 -5.60 -7.17
C VAL B 341 30.90 -6.84 -6.39
N ASP B 342 31.73 -7.71 -6.96
CA ASP B 342 32.14 -8.95 -6.29
C ASP B 342 33.40 -8.64 -5.52
N LEU B 343 33.32 -8.62 -4.18
CA LEU B 343 34.38 -8.06 -3.34
C LEU B 343 35.46 -9.04 -2.93
N ARG B 344 35.35 -10.31 -3.33
CA ARG B 344 36.37 -11.28 -2.96
C ARG B 344 37.79 -10.85 -3.32
N SER B 345 37.92 -9.86 -4.22
CA SER B 345 39.25 -9.38 -4.60
C SER B 345 39.89 -8.56 -3.49
N VAL B 346 39.15 -7.63 -2.90
CA VAL B 346 39.70 -6.73 -1.89
C VAL B 346 39.56 -7.31 -0.49
N ASN B 347 39.28 -8.62 -0.41
CA ASN B 347 39.18 -9.33 0.85
C ASN B 347 38.21 -8.66 1.82
N LEU B 348 37.02 -8.37 1.31
CA LEU B 348 35.95 -7.81 2.11
C LEU B 348 34.67 -8.58 1.85
N THR B 349 33.79 -8.64 2.85
CA THR B 349 32.44 -9.12 2.60
C THR B 349 31.56 -7.96 2.14
N GLY B 350 30.39 -8.31 1.60
CA GLY B 350 29.43 -7.26 1.25
C GLY B 350 28.99 -6.47 2.47
N LYS B 351 28.78 -7.13 3.61
CA LYS B 351 28.42 -6.42 4.82
C LYS B 351 29.52 -5.42 5.20
N GLN B 352 30.79 -5.85 5.14
CA GLN B 352 31.89 -4.96 5.46
C GLN B 352 31.96 -3.79 4.49
N ALA B 353 31.84 -4.08 3.19
CA ALA B 353 31.97 -3.00 2.20
C ALA B 353 30.83 -2.01 2.32
N ASP B 354 29.62 -2.49 2.59
CA ASP B 354 28.49 -1.60 2.79
C ASP B 354 28.72 -0.67 3.99
N GLN B 355 29.22 -1.22 5.10
CA GLN B 355 29.58 -0.40 6.23
C GLN B 355 30.65 0.63 5.84
N LEU B 356 31.72 0.18 5.18
CA LEU B 356 32.83 1.07 4.86
C LEU B 356 32.41 2.21 3.98
N VAL B 357 31.52 1.98 2.99
CA VAL B 357 31.06 3.11 2.15
C VAL B 357 30.07 3.99 2.91
N SER B 358 29.24 3.39 3.79
CA SER B 358 28.35 4.21 4.61
C SER B 358 29.15 5.16 5.48
N ASP B 359 30.36 4.76 5.89
CA ASP B 359 31.18 5.65 6.73
C ASP B 359 31.63 6.90 5.98
N VAL B 360 31.59 6.89 4.64
CA VAL B 360 31.96 8.07 3.84
C VAL B 360 30.74 8.65 3.13
N ASN B 361 29.54 8.39 3.68
CA ASN B 361 28.31 9.01 3.20
C ASN B 361 27.84 8.48 1.84
N ILE B 362 28.04 7.19 1.63
CA ILE B 362 27.56 6.49 0.44
C ILE B 362 26.59 5.40 0.90
N THR B 363 25.39 5.42 0.33
CA THR B 363 24.29 4.54 0.75
C THR B 363 24.08 3.50 -0.34
N ALA B 364 24.17 2.23 0.04
CA ALA B 364 24.03 1.12 -0.92
C ALA B 364 23.35 -0.02 -0.16
N ASN B 365 23.47 -1.24 -0.69
CA ASN B 365 23.07 -2.41 0.09
C ASN B 365 23.96 -3.59 -0.30
N LYS B 366 24.17 -4.50 0.62
CA LYS B 366 24.90 -5.72 0.31
C LYS B 366 24.01 -6.69 -0.46
N ASN B 367 24.63 -7.66 -1.12
CA ASN B 367 23.85 -8.57 -1.93
C ASN B 367 24.69 -9.80 -2.19
N THR B 368 24.09 -11.00 -2.16
CA THR B 368 24.87 -12.17 -2.55
C THR B 368 25.22 -12.08 -4.03
N VAL B 369 26.37 -12.65 -4.38
CA VAL B 369 26.73 -12.82 -5.79
C VAL B 369 26.34 -14.23 -6.22
N PRO B 370 26.22 -14.51 -7.52
CA PRO B 370 25.97 -15.89 -7.93
C PRO B 370 27.10 -16.79 -7.45
N PHE B 371 26.74 -17.94 -6.91
CA PHE B 371 27.72 -18.88 -6.41
C PHE B 371 28.49 -18.31 -5.21
N ASP B 372 27.83 -17.46 -4.42
CA ASP B 372 28.49 -16.81 -3.27
C ASP B 372 28.83 -17.84 -2.20
N PRO B 373 30.06 -17.86 -1.70
CA PRO B 373 30.39 -18.74 -0.57
C PRO B 373 29.89 -18.23 0.77
N GLU B 374 29.50 -16.96 0.87
CA GLU B 374 29.04 -16.41 2.12
C GLU B 374 27.55 -16.59 2.27
N SER B 375 27.09 -16.56 3.51
CA SER B 375 25.65 -16.61 3.76
C SER B 375 24.99 -15.31 3.31
N PRO B 376 23.67 -15.34 3.11
CA PRO B 376 22.95 -14.09 2.79
C PRO B 376 23.04 -13.00 3.85
N PHE B 377 23.44 -13.32 5.09
CA PHE B 377 23.61 -12.27 6.10
C PHE B 377 24.95 -11.59 6.02
N VAL B 378 25.86 -12.10 5.18
CA VAL B 378 27.23 -11.60 5.11
C VAL B 378 27.46 -11.14 3.68
N THR B 379 27.34 -12.06 2.73
CA THR B 379 27.45 -11.86 1.28
C THR B 379 28.87 -11.50 0.83
N SER B 380 29.08 -11.59 -0.48
CA SER B 380 30.32 -11.15 -1.13
C SER B 380 30.12 -9.96 -2.06
N GLY B 381 28.93 -9.34 -2.10
CA GLY B 381 28.64 -8.34 -3.09
C GLY B 381 28.11 -7.05 -2.52
N LEU B 382 28.32 -5.98 -3.30
CA LEU B 382 27.68 -4.70 -3.07
C LEU B 382 26.89 -4.35 -4.31
N ARG B 383 25.59 -4.11 -4.15
CA ARG B 383 24.76 -3.73 -5.29
C ARG B 383 24.73 -2.20 -5.39
N LEU B 384 25.05 -1.67 -6.58
CA LEU B 384 25.07 -0.23 -6.84
C LEU B 384 24.23 0.05 -8.06
N GLY B 385 23.57 1.20 -8.07
CA GLY B 385 22.86 1.63 -9.25
C GLY B 385 22.91 3.12 -9.44
N SER B 386 22.70 3.55 -10.69
CA SER B 386 22.72 4.95 -11.05
C SER B 386 21.41 5.76 -11.05
N PRO B 387 20.18 5.18 -10.94
CA PRO B 387 18.99 6.04 -11.18
C PRO B 387 18.88 7.30 -10.32
N ALA B 388 19.10 7.18 -9.01
CA ALA B 388 18.80 8.31 -8.11
C ALA B 388 19.78 9.46 -8.34
N MET B 389 21.10 9.13 -8.45
CA MET B 389 22.05 10.24 -8.62
C MET B 389 21.98 10.77 -10.05
N THR B 390 21.53 9.95 -11.02
CA THR B 390 21.29 10.47 -12.35
C THR B 390 20.16 11.47 -12.33
N THR B 391 19.11 11.22 -11.51
CA THR B 391 18.00 12.17 -11.38
C THR B 391 18.51 13.52 -10.88
N ARG B 392 19.54 13.51 -10.00
CA ARG B 392 20.13 14.75 -9.49
C ARG B 392 20.96 15.49 -10.53
N GLY B 393 21.28 14.86 -11.69
CA GLY B 393 21.94 15.54 -12.77
C GLY B 393 23.37 15.11 -13.02
N LEU B 394 23.87 14.11 -12.31
CA LEU B 394 25.26 13.66 -12.51
C LEU B 394 25.43 13.05 -13.90
N GLY B 395 26.64 13.21 -14.46
CA GLY B 395 27.02 12.66 -15.74
C GLY B 395 28.04 11.54 -15.60
N THR B 396 28.56 11.08 -16.75
CA THR B 396 29.41 9.89 -16.72
C THR B 396 30.71 10.16 -15.96
N GLU B 397 31.31 11.35 -16.16
CA GLU B 397 32.56 11.62 -15.41
C GLU B 397 32.29 11.73 -13.91
N ASP B 398 31.10 12.20 -13.54
CA ASP B 398 30.76 12.23 -12.12
C ASP B 398 30.64 10.84 -11.55
N PHE B 399 30.09 9.89 -12.35
CA PHE B 399 30.01 8.51 -11.90
C PHE B 399 31.37 7.81 -11.89
N ALA B 400 32.31 8.21 -12.78
CA ALA B 400 33.67 7.70 -12.62
C ALA B 400 34.31 8.20 -11.34
N GLU B 401 34.01 9.46 -10.95
CA GLU B 401 34.48 9.98 -9.66
C GLU B 401 33.88 9.16 -8.50
N ILE B 402 32.57 8.82 -8.57
CA ILE B 402 31.96 7.98 -7.53
C ILE B 402 32.72 6.66 -7.40
N ALA B 403 33.00 6.02 -8.55
CA ALA B 403 33.75 4.77 -8.53
C ALA B 403 35.10 4.97 -7.82
N ASN B 404 35.83 6.07 -8.12
CA ASN B 404 37.14 6.27 -7.49
C ASN B 404 37.01 6.52 -5.99
N ILE B 405 35.94 7.20 -5.54
CA ILE B 405 35.74 7.37 -4.09
C ILE B 405 35.52 6.02 -3.43
N ILE B 406 34.64 5.21 -4.02
CA ILE B 406 34.41 3.87 -3.47
C ILE B 406 35.70 3.07 -3.42
N ALA B 407 36.44 3.06 -4.55
CA ALA B 407 37.67 2.28 -4.60
C ALA B 407 38.67 2.78 -3.57
N ASP B 408 38.81 4.11 -3.43
CA ASP B 408 39.75 4.64 -2.44
C ASP B 408 39.42 4.14 -1.05
N ARG B 409 38.13 4.21 -0.68
CA ARG B 409 37.71 3.79 0.66
C ARG B 409 37.94 2.29 0.86
N LEU B 410 37.55 1.48 -0.12
CA LEU B 410 37.59 0.03 0.09
C LEU B 410 39.02 -0.50 0.04
N GLN B 411 39.90 0.15 -0.73
CA GLN B 411 41.30 -0.24 -0.79
C GLN B 411 42.10 0.20 0.43
N ASN B 412 41.64 1.21 1.17
CA ASN B 412 42.40 1.80 2.28
C ASN B 412 41.46 1.98 3.47
N PRO B 413 40.85 0.90 3.96
CA PRO B 413 39.81 1.05 4.98
C PRO B 413 40.31 1.55 6.34
N GLU B 414 41.62 1.52 6.59
CA GLU B 414 42.16 2.00 7.87
C GLU B 414 42.72 3.39 7.78
N ASP B 415 42.70 4.00 6.61
CA ASP B 415 43.41 5.26 6.39
C ASP B 415 42.46 6.43 6.63
N GLU B 416 42.69 7.17 7.72
CA GLU B 416 41.80 8.26 8.10
C GLU B 416 41.84 9.40 7.12
N GLN B 417 43.02 9.64 6.50
CA GLN B 417 43.10 10.74 5.54
C GLN B 417 42.35 10.40 4.26
N VAL B 418 42.43 9.14 3.81
CA VAL B 418 41.62 8.71 2.68
C VAL B 418 40.15 8.81 3.05
N LYS B 419 39.79 8.44 4.30
CA LYS B 419 38.41 8.53 4.73
C LYS B 419 37.88 9.96 4.58
N GLN B 420 38.63 10.93 5.10
CA GLN B 420 38.17 12.31 5.00
C GLN B 420 38.15 12.80 3.57
N ALA B 421 39.14 12.41 2.76
CA ALA B 421 39.09 12.81 1.35
C ALA B 421 37.81 12.28 0.70
N CYS B 422 37.42 11.04 1.01
CA CYS B 422 36.18 10.48 0.46
C CYS B 422 34.95 11.28 0.93
N VAL B 423 34.90 11.58 2.23
CA VAL B 423 33.81 12.39 2.78
C VAL B 423 33.72 13.72 2.05
N GLN B 424 34.87 14.36 1.83
CA GLN B 424 34.88 15.65 1.17
C GLN B 424 34.45 15.52 -0.28
N ARG B 425 34.89 14.48 -0.98
CA ARG B 425 34.52 14.33 -2.39
C ARG B 425 33.03 14.00 -2.56
N VAL B 426 32.45 13.26 -1.60
CA VAL B 426 30.99 13.08 -1.58
C VAL B 426 30.29 14.42 -1.37
N ALA B 427 30.77 15.21 -0.40
CA ALA B 427 30.14 16.51 -0.15
C ALA B 427 30.17 17.40 -1.39
N ALA B 428 31.29 17.39 -2.14
CA ALA B 428 31.36 18.20 -3.35
C ALA B 428 30.32 17.75 -4.37
N LEU B 429 30.19 16.43 -4.59
CA LEU B 429 29.16 15.94 -5.51
C LEU B 429 27.78 16.39 -5.06
N CYS B 430 27.49 16.29 -3.76
CA CYS B 430 26.16 16.66 -3.30
C CYS B 430 25.91 18.15 -3.45
N GLU B 431 26.95 18.97 -3.22
CA GLU B 431 26.76 20.40 -3.37
C GLU B 431 26.54 20.80 -4.81
N ARG B 432 27.22 20.12 -5.75
CA ARG B 432 27.11 20.46 -7.16
C ARG B 432 25.75 20.18 -7.74
N PHE B 433 25.02 19.24 -7.14
CA PHE B 433 23.75 18.72 -7.69
C PHE B 433 22.68 18.74 -6.61
N PRO B 434 22.11 19.91 -6.34
CA PRO B 434 21.10 20.04 -5.28
C PRO B 434 19.89 19.14 -5.51
N LEU B 435 19.30 18.72 -4.40
CA LEU B 435 18.13 17.85 -4.40
C LEU B 435 16.95 18.61 -3.78
N TYR B 436 15.86 18.70 -4.53
CA TYR B 436 14.65 19.38 -4.07
C TYR B 436 14.95 20.75 -3.44
N PRO B 437 15.66 21.62 -4.15
CA PRO B 437 16.17 22.84 -3.47
C PRO B 437 15.08 23.76 -2.92
N HIS B 438 13.85 23.68 -3.44
CA HIS B 438 12.75 24.51 -2.95
C HIS B 438 12.22 24.06 -1.59
N LEU B 439 12.53 22.87 -1.12
CA LEU B 439 12.02 22.40 0.17
C LEU B 439 12.97 22.83 1.28
N ASN B 440 12.41 23.30 2.39
CA ASN B 440 13.18 23.52 3.62
C ASN B 440 14.60 24.03 3.30
N ALA B 441 14.66 25.07 2.48
CA ALA B 441 15.92 25.58 1.95
C ALA B 441 16.86 26.11 3.03
#